data_2AGL
#
_entry.id   2AGL
#
_cell.length_a   70.692
_cell.length_b   88.667
_cell.length_c   80.522
_cell.angle_alpha   90.00
_cell.angle_beta   90.24
_cell.angle_gamma   90.00
#
_symmetry.space_group_name_H-M   'P 1 21 1'
#
loop_
_entity.id
_entity.type
_entity.pdbx_description
1 polymer 'Aromatic amine dehydrogenase'
2 polymer 'Aromatic amine dehydrogenase'
3 non-polymer 1-PHENYLHYDRAZINE
4 water water
#
loop_
_entity_poly.entity_id
_entity_poly.type
_entity_poly.pdbx_seq_one_letter_code
_entity_poly.pdbx_strand_id
1 'polypeptide(L)'
;AGGGGSSSGADHISLNPDLANEDEVNSCDYWRHCAVDGFLCSCCGGTTTTCPPGSTPSPIS(TRQ)IGTCHNPHDGKDYL
ISYHDCCGKTACGRCQCNTQTRERPGYEFFLHNDVNWCMANENSTFHCTTSVLVGLAKN
;
D,H
2 'polypeptide(L)'
;REVLTGGHSVSAPQENRIYVMDSVFMHLTESRVHVYDYTNGKFLGMVPTAFNGHVQVSNDGKKIYTMTTYHERITRGKRS
DVVEVWDADKLTFEKEISLPPKRVQGLNYDGLFRQTTDGKFIVLQNASPATSIGIVDVAKGDYVEDVTAAAGCWSVIPQP
NRPRSFMTICGDGGLLTINLGEDGKVASQSRSKQMFSVKDDPIFIAPALDKDKAHFVSYYGNVYSADFSGDEVKVDGPWS
LLNDEDKAKNWVPGGYNLVGLHRASGRMYVFMHPDGKEGTHKFPAAEIWVMDTKTKQRVARIPGRDALSMTIDQQRNLML
TLDGGNVNVYDISQPEPKLLRTIEGAAEASLQVQFHPVGGT
;
A,B
#
# COMPACT_ATOMS: atom_id res chain seq x y z
N GLU A 24 6.42 22.61 16.91
CA GLU A 24 7.69 22.62 16.09
C GLU A 24 8.36 21.25 15.91
N VAL A 25 8.17 20.31 16.85
CA VAL A 25 8.83 18.98 16.75
C VAL A 25 8.25 18.14 15.59
N ASN A 26 7.07 18.49 15.09
CA ASN A 26 6.48 17.75 13.97
C ASN A 26 6.86 18.26 12.59
N SER A 27 7.78 19.23 12.53
CA SER A 27 8.31 19.75 11.28
C SER A 27 9.67 19.13 10.96
N CYS A 28 9.88 18.84 9.69
CA CYS A 28 11.16 18.29 9.21
C CYS A 28 12.34 19.21 9.49
N ASP A 29 12.08 20.51 9.60
CA ASP A 29 13.15 21.48 9.87
C ASP A 29 13.49 21.67 11.34
N TYR A 30 12.82 20.97 12.26
CA TYR A 30 13.23 21.01 13.66
C TYR A 30 14.66 20.50 13.77
N TRP A 31 15.48 21.16 14.61
CA TRP A 31 16.90 20.97 14.51
C TRP A 31 17.38 19.53 14.78
N ARG A 32 16.68 18.81 15.65
CA ARG A 32 17.09 17.45 16.05
C ARG A 32 16.83 16.44 14.94
N HIS A 33 16.07 16.83 13.91
CA HIS A 33 15.69 15.89 12.84
C HIS A 33 16.62 15.96 11.62
N CYS A 34 17.84 16.42 11.81
CA CYS A 34 18.69 16.79 10.69
C CYS A 34 19.16 15.60 9.82
N ALA A 35 19.06 14.37 10.34
CA ALA A 35 19.38 13.19 9.51
C ALA A 35 18.27 12.14 9.53
N VAL A 36 17.02 12.58 9.67
CA VAL A 36 15.85 11.69 9.56
C VAL A 36 15.50 11.39 8.10
N ASP A 37 15.45 10.09 7.78
CA ASP A 37 14.85 9.57 6.53
C ASP A 37 13.76 8.65 7.02
N GLY A 38 12.55 9.16 7.13
CA GLY A 38 11.46 8.35 7.69
C GLY A 38 10.28 9.21 8.08
N PHE A 39 9.36 8.63 8.83
CA PHE A 39 8.21 9.36 9.37
C PHE A 39 8.51 9.78 10.79
N LEU A 40 8.24 11.02 11.16
CA LEU A 40 8.51 11.44 12.56
C LEU A 40 7.57 10.74 13.53
N CYS A 41 8.11 10.02 14.52
CA CYS A 41 7.25 9.32 15.46
C CYS A 41 6.33 10.25 16.26
N SER A 42 6.75 11.50 16.44
CA SER A 42 5.91 12.49 17.15
C SER A 42 4.60 12.82 16.44
N CYS A 43 4.53 12.50 15.15
CA CYS A 43 3.30 12.65 14.37
C CYS A 43 2.46 11.37 14.28
N CYS A 44 2.97 10.33 14.94
CA CYS A 44 2.47 8.95 14.73
C CYS A 44 1.91 8.40 16.03
N GLY A 45 1.64 9.23 17.03
CA GLY A 45 1.15 8.75 18.32
C GLY A 45 2.23 8.54 19.34
N GLY A 46 3.48 8.84 18.98
CA GLY A 46 4.59 8.74 19.92
C GLY A 46 5.12 10.12 20.20
N THR A 47 6.38 10.16 20.62
CA THR A 47 7.09 11.44 20.79
C THR A 47 8.48 11.32 20.17
N THR A 48 9.32 12.36 20.29
CA THR A 48 10.69 12.23 19.79
C THR A 48 11.51 11.13 20.44
N THR A 49 11.17 10.73 21.68
CA THR A 49 11.90 9.71 22.42
C THR A 49 11.03 8.52 22.88
N THR A 50 9.84 8.37 22.32
CA THR A 50 9.02 7.21 22.68
C THR A 50 8.32 6.70 21.42
N CYS A 51 8.22 5.37 21.32
CA CYS A 51 7.56 4.78 20.18
C CYS A 51 6.07 4.87 20.34
N PRO A 52 5.35 5.03 19.24
CA PRO A 52 3.90 4.93 19.32
C PRO A 52 3.47 3.59 19.93
N PRO A 53 2.29 3.52 20.56
CA PRO A 53 1.83 2.28 21.17
C PRO A 53 1.90 1.10 20.21
N GLY A 54 2.50 0.01 20.68
CA GLY A 54 2.52 -1.23 19.92
C GLY A 54 3.62 -1.30 18.89
N SER A 55 4.52 -0.32 18.84
CA SER A 55 5.70 -0.40 18.01
C SER A 55 6.94 -0.48 18.89
N THR A 56 7.93 -1.22 18.42
CA THR A 56 9.07 -1.63 19.23
C THR A 56 10.32 -0.84 18.83
N PRO A 57 11.06 -0.26 19.78
CA PRO A 57 12.30 0.42 19.45
C PRO A 57 13.36 -0.48 18.83
N SER A 58 14.14 0.06 17.91
CA SER A 58 15.30 -0.66 17.40
C SER A 58 16.42 -0.49 18.41
N PRO A 59 17.18 -1.52 18.68
CA PRO A 59 18.33 -1.41 19.57
C PRO A 59 19.54 -0.73 18.90
N ILE A 60 19.50 -0.66 17.58
CA ILE A 60 20.54 -0.14 16.74
C ILE A 60 19.96 1.09 16.04
N SER A 61 20.82 1.93 15.46
CA SER A 61 20.37 3.17 14.84
C SER A 61 21.47 3.77 14.02
N ILE A 63 23.20 7.52 13.45
CA ILE A 63 23.47 8.64 14.34
C ILE A 63 23.73 9.85 13.47
N GLY A 64 23.26 11.02 13.91
CA GLY A 64 23.56 12.26 13.23
C GLY A 64 24.15 13.26 14.18
N THR A 65 24.86 14.25 13.64
N THR A 65 24.81 14.26 13.60
CA THR A 65 25.30 15.38 14.46
CA THR A 65 25.36 15.40 14.35
C THR A 65 24.62 16.61 13.92
C THR A 65 24.57 16.62 13.87
N CYS A 66 23.81 17.22 14.78
CA CYS A 66 22.93 18.31 14.42
C CYS A 66 23.29 19.58 15.21
N HIS A 67 23.10 20.70 14.53
CA HIS A 67 23.43 22.00 15.08
C HIS A 67 22.25 22.56 15.88
N ASN A 68 22.47 22.82 17.17
CA ASN A 68 21.47 23.42 18.01
C ASN A 68 21.46 24.95 17.74
N PRO A 69 20.35 25.49 17.26
CA PRO A 69 20.24 26.90 16.85
C PRO A 69 20.14 27.86 18.04
N HIS A 70 20.03 27.30 19.24
CA HIS A 70 19.92 28.10 20.45
C HIS A 70 21.28 28.39 21.08
N ASP A 71 22.00 27.32 21.44
CA ASP A 71 23.35 27.45 22.02
C ASP A 71 24.51 27.41 21.03
N GLY A 72 24.21 27.13 19.77
CA GLY A 72 25.21 27.08 18.73
C GLY A 72 26.15 25.89 18.77
N LYS A 73 25.83 24.89 19.60
CA LYS A 73 26.67 23.67 19.73
C LYS A 73 26.06 22.53 18.92
N ASP A 74 26.91 21.60 18.49
CA ASP A 74 26.47 20.39 17.75
C ASP A 74 26.26 19.25 18.73
N TYR A 75 25.18 18.49 18.51
CA TYR A 75 24.79 17.40 19.37
C TYR A 75 24.64 16.10 18.56
N LEU A 76 24.99 15.01 19.22
CA LEU A 76 24.76 13.66 18.70
C LEU A 76 23.30 13.30 18.92
N ILE A 77 22.63 12.96 17.82
CA ILE A 77 21.24 12.48 17.81
C ILE A 77 21.25 11.02 17.30
N SER A 78 20.59 10.14 18.07
CA SER A 78 20.48 8.72 17.69
C SER A 78 19.09 8.46 17.10
N TYR A 79 19.06 8.02 15.84
CA TYR A 79 17.79 7.84 15.13
C TYR A 79 17.37 6.38 15.18
N HIS A 80 16.86 6.03 16.34
CA HIS A 80 16.27 4.72 16.54
C HIS A 80 14.92 4.72 15.84
N ASP A 81 14.66 3.63 15.16
CA ASP A 81 13.35 3.42 14.53
C ASP A 81 12.43 2.73 15.52
N CYS A 82 11.13 2.84 15.23
CA CYS A 82 10.09 2.08 15.88
C CYS A 82 9.56 1.12 14.83
N CYS A 83 9.36 -0.11 15.26
CA CYS A 83 9.27 -1.26 14.36
C CYS A 83 8.09 -2.18 14.68
N GLY A 84 7.75 -3.05 13.72
CA GLY A 84 6.73 -4.07 13.98
C GLY A 84 5.30 -3.60 13.75
N LYS A 85 5.14 -2.45 13.10
CA LYS A 85 3.86 -1.96 12.57
C LYS A 85 4.16 -1.36 11.22
N THR A 86 3.14 -1.39 10.37
CA THR A 86 3.28 -0.86 9.04
C THR A 86 3.43 0.66 9.02
N ALA A 87 3.84 1.20 7.88
CA ALA A 87 4.26 2.58 7.78
C ALA A 87 3.27 3.56 8.37
N CYS A 88 3.76 4.45 9.24
CA CYS A 88 2.90 5.47 9.80
C CYS A 88 2.34 6.41 8.75
N GLY A 89 3.18 6.84 7.83
CA GLY A 89 2.72 7.62 6.67
C GLY A 89 2.54 9.11 6.92
N ARG A 90 2.87 9.60 8.11
CA ARG A 90 2.72 11.00 8.46
C ARG A 90 4.07 11.62 8.72
N CYS A 91 4.22 12.88 8.35
CA CYS A 91 5.44 13.65 8.57
C CYS A 91 6.67 12.93 8.02
N GLN A 92 6.60 12.58 6.75
CA GLN A 92 7.75 12.02 6.07
C GLN A 92 8.83 13.10 5.92
N CYS A 93 10.05 12.77 6.29
CA CYS A 93 11.20 13.66 6.18
C CYS A 93 12.35 12.95 5.48
N ASN A 94 13.22 13.70 4.84
CA ASN A 94 14.40 13.14 4.17
C ASN A 94 15.58 14.10 4.26
N THR A 95 16.06 14.33 5.47
CA THR A 95 17.09 15.33 5.74
C THR A 95 18.40 14.58 5.91
N GLN A 96 19.50 15.20 5.51
CA GLN A 96 20.73 14.48 5.21
C GLN A 96 21.99 15.17 5.73
N THR A 97 21.83 16.03 6.73
CA THR A 97 22.98 16.73 7.33
C THR A 97 23.98 15.71 7.87
N ARG A 98 25.19 15.73 7.32
CA ARG A 98 26.32 14.88 7.72
C ARG A 98 26.10 13.38 7.51
N GLU A 99 25.07 13.04 6.75
CA GLU A 99 24.77 11.66 6.41
C GLU A 99 25.76 11.17 5.37
N ARG A 100 26.18 9.93 5.49
CA ARG A 100 27.13 9.33 4.60
C ARG A 100 26.70 7.93 4.11
N PRO A 101 27.29 7.44 3.01
CA PRO A 101 26.87 6.15 2.43
C PRO A 101 27.18 4.94 3.30
N GLY A 102 26.77 3.76 2.85
CA GLY A 102 26.78 2.54 3.67
C GLY A 102 28.17 2.05 4.05
N TYR A 103 29.21 2.56 3.41
CA TYR A 103 30.60 2.27 3.84
C TYR A 103 30.98 3.01 5.12
N GLU A 104 30.14 3.95 5.57
CA GLU A 104 30.20 4.49 6.93
C GLU A 104 28.83 4.22 7.58
N PHE A 105 28.63 2.95 7.91
CA PHE A 105 27.27 2.39 8.03
C PHE A 105 26.41 3.08 9.07
N PHE A 106 26.98 3.43 10.22
CA PHE A 106 26.16 4.04 11.25
C PHE A 106 25.91 5.54 11.11
N LEU A 107 26.38 6.11 10.01
CA LEU A 107 26.02 7.48 9.62
C LEU A 107 25.02 7.46 8.46
N HIS A 108 24.54 6.28 8.06
CA HIS A 108 23.82 6.10 6.82
C HIS A 108 22.32 5.93 7.07
N ASN A 109 21.48 6.68 6.36
CA ASN A 109 20.02 6.63 6.61
C ASN A 109 19.17 6.10 5.44
N ASP A 110 19.77 5.44 4.45
CA ASP A 110 18.99 4.81 3.37
C ASP A 110 18.80 3.30 3.61
N VAL A 111 19.05 2.88 4.84
CA VAL A 111 18.73 1.52 5.28
C VAL A 111 17.70 1.53 6.41
N ASN A 112 16.99 0.42 6.54
CA ASN A 112 15.97 0.28 7.56
C ASN A 112 16.61 -0.05 8.90
N TRP A 113 16.65 0.87 9.85
CA TRP A 113 17.30 0.62 11.13
C TRP A 113 16.48 -0.35 12.02
N CYS A 114 15.33 -0.81 11.52
CA CYS A 114 14.58 -1.94 12.11
C CYS A 114 15.12 -3.31 11.65
N MET A 115 16.19 -3.33 10.84
CA MET A 115 16.63 -4.55 10.16
C MET A 115 16.92 -5.73 11.06
N ALA A 116 17.23 -5.48 12.34
CA ALA A 116 17.59 -6.55 13.28
C ALA A 116 16.52 -6.80 14.32
N ASN A 117 15.38 -6.11 14.22
CA ASN A 117 14.27 -6.35 15.18
C ASN A 117 13.57 -7.67 14.90
N GLU A 118 12.88 -8.17 15.91
CA GLU A 118 12.07 -9.37 15.79
C GLU A 118 11.11 -9.27 14.61
N ASN A 119 10.50 -8.09 14.45
CA ASN A 119 9.80 -7.76 13.22
C ASN A 119 10.35 -6.49 12.62
N SER A 120 10.87 -6.61 11.40
CA SER A 120 11.58 -5.52 10.73
C SER A 120 10.70 -4.53 10.00
N THR A 121 9.39 -4.65 10.04
CA THR A 121 8.54 -3.69 9.36
C THR A 121 8.74 -2.30 9.98
N PHE A 122 8.96 -1.32 9.13
CA PHE A 122 9.29 0.03 9.57
C PHE A 122 8.06 0.86 9.82
N HIS A 123 7.96 1.43 11.02
CA HIS A 123 6.83 2.25 11.41
C HIS A 123 7.13 3.77 11.40
N CYS A 124 8.14 4.20 12.15
CA CYS A 124 8.51 5.61 12.22
C CYS A 124 9.91 5.73 12.83
N THR A 125 10.48 6.93 12.75
CA THR A 125 11.82 7.23 13.24
C THR A 125 11.73 8.24 14.41
N THR A 126 12.50 7.98 15.46
CA THR A 126 12.68 8.88 16.62
C THR A 126 14.00 9.64 16.47
N SER A 127 14.13 10.71 17.26
CA SER A 127 15.31 11.60 17.23
C SER A 127 15.80 11.78 18.68
N VAL A 128 16.59 10.84 19.17
CA VAL A 128 16.99 10.73 20.57
C VAL A 128 18.27 11.51 20.82
N LEU A 129 18.19 12.52 21.68
CA LEU A 129 19.38 13.33 21.99
C LEU A 129 20.30 12.53 22.90
N VAL A 130 21.52 12.30 22.42
CA VAL A 130 22.53 11.61 23.21
C VAL A 130 23.32 12.63 24.07
N GLY A 131 23.88 13.64 23.43
CA GLY A 131 24.67 14.63 24.16
C GLY A 131 25.54 15.42 23.22
N LEU A 132 26.47 16.20 23.78
CA LEU A 132 27.31 17.05 22.98
C LEU A 132 28.23 16.23 22.11
N SER B 14 -18.95 -1.77 -31.59
CA SER B 14 -19.45 -1.57 -30.19
C SER B 14 -19.45 -2.83 -29.33
N LEU B 15 -19.42 -4.01 -29.95
CA LEU B 15 -19.39 -5.29 -29.24
C LEU B 15 -17.99 -5.90 -29.12
N ASN B 16 -16.99 -5.27 -29.74
CA ASN B 16 -15.65 -5.87 -29.85
C ASN B 16 -14.58 -4.87 -29.42
N PRO B 17 -14.34 -4.78 -28.11
CA PRO B 17 -13.44 -3.75 -27.57
C PRO B 17 -12.03 -3.75 -28.16
N ASP B 18 -11.57 -4.91 -28.61
CA ASP B 18 -10.22 -5.02 -29.18
C ASP B 18 -10.11 -4.24 -30.50
N LEU B 19 -11.24 -4.01 -31.16
CA LEU B 19 -11.28 -3.24 -32.42
C LEU B 19 -11.59 -1.77 -32.18
N ALA B 20 -11.87 -1.42 -30.92
CA ALA B 20 -12.27 -0.07 -30.56
C ALA B 20 -11.07 0.78 -30.19
N ASN B 21 -11.34 2.05 -29.93
CA ASN B 21 -10.33 2.98 -29.45
C ASN B 21 -9.93 2.62 -28.02
N GLU B 22 -8.63 2.40 -27.80
CA GLU B 22 -8.12 2.05 -26.47
C GLU B 22 -8.63 3.03 -25.41
N ASP B 23 -8.61 4.32 -25.74
CA ASP B 23 -9.02 5.34 -24.77
C ASP B 23 -10.50 5.20 -24.43
N GLU B 24 -11.29 4.68 -25.38
CA GLU B 24 -12.71 4.45 -25.14
C GLU B 24 -12.93 3.31 -24.17
N VAL B 25 -12.26 2.18 -24.38
CA VAL B 25 -12.50 1.00 -23.53
C VAL B 25 -11.89 1.19 -22.16
N ASN B 26 -10.87 2.05 -22.04
CA ASN B 26 -10.21 2.28 -20.74
C ASN B 26 -10.88 3.37 -19.92
N SER B 27 -12.10 3.72 -20.29
CA SER B 27 -12.84 4.75 -19.59
C SER B 27 -13.93 4.12 -18.78
N CYS B 28 -14.17 4.67 -17.59
CA CYS B 28 -15.24 4.16 -16.72
C CYS B 28 -16.63 4.28 -17.35
N ASP B 29 -16.74 5.18 -18.33
CA ASP B 29 -18.00 5.48 -19.01
C ASP B 29 -18.28 4.56 -20.19
N TYR B 30 -17.33 3.70 -20.54
CA TYR B 30 -17.52 2.73 -21.63
C TYR B 30 -18.74 1.91 -21.29
N TRP B 31 -19.61 1.67 -22.27
CA TRP B 31 -20.95 1.18 -21.95
C TRP B 31 -20.97 -0.14 -21.18
N ARG B 32 -20.04 -1.04 -21.45
CA ARG B 32 -20.11 -2.34 -20.80
C ARG B 32 -19.51 -2.38 -19.38
N HIS B 33 -18.96 -1.26 -18.93
CA HIS B 33 -18.36 -1.15 -17.58
C HIS B 33 -19.37 -0.60 -16.56
N CYS B 34 -20.66 -0.82 -16.77
CA CYS B 34 -21.69 -0.11 -16.03
C CYS B 34 -21.86 -0.54 -14.57
N ALA B 35 -21.31 -1.68 -14.20
CA ALA B 35 -21.32 -2.12 -12.78
C ALA B 35 -19.94 -2.55 -12.30
N VAL B 36 -18.90 -1.88 -12.75
CA VAL B 36 -17.53 -2.15 -12.31
C VAL B 36 -17.16 -1.36 -11.05
N ASP B 37 -16.70 -2.10 -10.04
CA ASP B 37 -16.07 -1.53 -8.83
C ASP B 37 -14.67 -2.13 -8.79
N GLY B 38 -13.69 -1.40 -9.27
CA GLY B 38 -12.34 -1.93 -9.31
C GLY B 38 -11.52 -1.30 -10.40
N PHE B 39 -10.36 -1.88 -10.68
CA PHE B 39 -9.42 -1.37 -11.68
C PHE B 39 -9.67 -2.07 -13.01
N LEU B 40 -9.81 -1.32 -14.09
CA LEU B 40 -10.07 -2.00 -15.39
C LEU B 40 -8.83 -2.79 -15.82
N CYS B 41 -9.00 -4.09 -16.07
CA CYS B 41 -7.86 -4.93 -16.51
C CYS B 41 -7.21 -4.43 -17.83
N SER B 42 -8.00 -3.75 -18.67
CA SER B 42 -7.46 -3.24 -19.93
C SER B 42 -6.45 -2.13 -19.74
N CYS B 43 -6.40 -1.56 -18.53
CA CYS B 43 -5.36 -0.59 -18.18
C CYS B 43 -4.19 -1.17 -17.38
N CYS B 44 -4.22 -2.48 -17.19
CA CYS B 44 -3.35 -3.15 -16.23
C CYS B 44 -2.47 -4.17 -16.95
N GLY B 45 -2.35 -4.07 -18.27
CA GLY B 45 -1.54 -5.00 -19.03
C GLY B 45 -2.33 -6.16 -19.60
N GLY B 46 -3.65 -6.16 -19.37
CA GLY B 46 -4.55 -7.12 -19.96
C GLY B 46 -5.45 -6.46 -20.98
N THR B 47 -6.58 -7.10 -21.24
CA THR B 47 -7.60 -6.51 -22.09
C THR B 47 -8.93 -6.71 -21.40
N THR B 48 -9.97 -6.26 -22.07
CA THR B 48 -11.30 -6.40 -21.54
C THR B 48 -11.66 -7.83 -21.15
N THR B 49 -11.09 -8.80 -21.87
CA THR B 49 -11.43 -10.21 -21.70
C THR B 49 -10.20 -11.10 -21.45
N THR B 50 -9.09 -10.51 -21.00
CA THR B 50 -7.91 -11.30 -20.67
C THR B 50 -7.23 -10.68 -19.46
N CYS B 51 -6.86 -11.54 -18.53
CA CYS B 51 -6.17 -11.07 -17.33
C CYS B 51 -4.76 -10.66 -17.68
N PRO B 52 -4.24 -9.62 -17.02
CA PRO B 52 -2.82 -9.30 -17.13
C PRO B 52 -1.96 -10.51 -16.82
N PRO B 53 -0.76 -10.57 -17.39
CA PRO B 53 0.13 -11.71 -17.18
C PRO B 53 0.27 -12.02 -15.69
N GLY B 54 0.12 -13.31 -15.35
CA GLY B 54 0.37 -13.78 -13.99
C GLY B 54 -0.74 -13.52 -13.00
N SER B 55 -1.91 -13.11 -13.48
CA SER B 55 -3.12 -12.99 -12.67
C SER B 55 -4.17 -13.94 -13.23
N THR B 56 -5.01 -14.45 -12.35
CA THR B 56 -5.86 -15.62 -12.61
C THR B 56 -7.32 -15.20 -12.64
N PRO B 57 -8.12 -15.58 -13.64
CA PRO B 57 -9.53 -15.23 -13.63
C PRO B 57 -10.29 -15.85 -12.47
N SER B 58 -11.29 -15.13 -11.97
CA SER B 58 -12.22 -15.68 -10.99
C SER B 58 -13.23 -16.58 -11.70
N PRO B 59 -13.56 -17.72 -11.13
CA PRO B 59 -14.57 -18.61 -11.72
C PRO B 59 -15.99 -18.13 -11.42
N ILE B 60 -16.10 -17.17 -10.51
CA ILE B 60 -17.37 -16.57 -10.08
C ILE B 60 -17.29 -15.08 -10.31
N SER B 61 -18.45 -14.43 -10.34
CA SER B 61 -18.50 -13.01 -10.60
C SER B 61 -19.82 -12.42 -10.21
N ILE B 63 -22.76 -9.94 -11.89
N ILE B 63 -22.76 -9.95 -11.89
CA ILE B 63 -23.28 -9.74 -13.24
CA ILE B 63 -23.31 -9.86 -13.24
C ILE B 63 -24.07 -8.45 -13.26
C ILE B 63 -24.31 -8.72 -13.33
N GLY B 64 -23.80 -7.64 -14.27
N GLY B 64 -25.10 -8.71 -14.40
CA GLY B 64 -24.54 -6.44 -14.51
CA GLY B 64 -26.15 -7.71 -14.57
C GLY B 64 -25.24 -6.42 -15.85
C GLY B 64 -26.20 -7.27 -16.02
N THR B 65 -26.24 -5.58 -15.97
N THR B 65 -26.99 -6.25 -16.33
CA THR B 65 -26.97 -5.43 -17.21
CA THR B 65 -27.07 -5.76 -17.69
C THR B 65 -26.64 -4.07 -17.77
C THR B 65 -26.68 -4.28 -17.85
N CYS B 66 -26.10 -4.00 -19.01
CA CYS B 66 -25.71 -2.71 -19.53
C CYS B 66 -26.32 -2.44 -20.91
N HIS B 67 -26.68 -1.18 -21.11
CA HIS B 67 -27.29 -0.73 -22.36
C HIS B 67 -26.18 -0.32 -23.29
N ASN B 68 -26.20 -0.83 -24.51
CA ASN B 68 -25.25 -0.42 -25.53
C ASN B 68 -25.90 0.67 -26.39
N PRO B 69 -25.45 1.93 -26.28
CA PRO B 69 -26.08 3.02 -27.03
C PRO B 69 -25.77 3.00 -28.52
N HIS B 70 -24.73 2.28 -28.92
CA HIS B 70 -24.34 2.22 -30.31
C HIS B 70 -25.32 1.40 -31.13
N ASP B 71 -25.79 0.29 -30.56
CA ASP B 71 -26.73 -0.59 -31.27
C ASP B 71 -28.13 -0.70 -30.63
N GLY B 72 -28.36 0.02 -29.53
CA GLY B 72 -29.68 0.14 -28.90
C GLY B 72 -30.18 -1.00 -28.02
N LYS B 73 -29.33 -2.02 -27.83
CA LYS B 73 -29.72 -3.26 -27.16
C LYS B 73 -29.05 -3.40 -25.79
N ASP B 74 -29.62 -4.25 -24.96
CA ASP B 74 -29.12 -4.48 -23.60
C ASP B 74 -28.43 -5.83 -23.55
N TYR B 75 -27.29 -5.86 -22.85
CA TYR B 75 -26.47 -7.05 -22.80
C TYR B 75 -26.18 -7.44 -21.36
N LEU B 76 -26.13 -8.75 -21.12
CA LEU B 76 -25.63 -9.29 -19.87
C LEU B 76 -24.12 -9.28 -19.90
N ILE B 77 -23.53 -8.68 -18.86
CA ILE B 77 -22.10 -8.55 -18.65
C ILE B 77 -21.67 -9.27 -17.38
N SER B 78 -20.63 -10.10 -17.47
CA SER B 78 -20.11 -10.81 -16.28
C SER B 78 -18.83 -10.11 -15.86
N TYR B 79 -18.79 -9.61 -14.62
N TYR B 79 -18.75 -9.77 -14.58
CA TYR B 79 -17.61 -8.95 -14.07
CA TYR B 79 -17.69 -8.93 -14.04
C TYR B 79 -16.78 -9.92 -13.25
C TYR B 79 -16.64 -9.75 -13.27
N HIS B 80 -15.95 -10.65 -13.96
CA HIS B 80 -14.94 -11.50 -13.35
C HIS B 80 -13.76 -10.65 -12.96
N ASP B 81 -13.15 -11.02 -11.86
CA ASP B 81 -11.92 -10.37 -11.45
C ASP B 81 -10.73 -11.18 -11.93
N CYS B 82 -9.59 -10.51 -11.93
CA CYS B 82 -8.31 -11.18 -12.05
C CYS B 82 -7.58 -11.10 -10.73
N CYS B 83 -6.95 -12.20 -10.36
CA CYS B 83 -6.59 -12.45 -8.95
C CYS B 83 -5.18 -12.96 -8.77
N GLY B 84 -4.66 -12.89 -7.54
CA GLY B 84 -3.36 -13.44 -7.20
C GLY B 84 -2.18 -12.53 -7.46
N LYS B 85 -2.46 -11.25 -7.69
CA LYS B 85 -1.47 -10.18 -7.77
C LYS B 85 -2.08 -9.00 -7.04
N THR B 86 -1.20 -8.18 -6.45
CA THR B 86 -1.64 -6.99 -5.71
C THR B 86 -2.24 -5.93 -6.62
N ALA B 87 -2.90 -4.96 -6.03
CA ALA B 87 -3.78 -4.04 -6.72
C ALA B 87 -3.11 -3.38 -7.92
N CYS B 88 -3.75 -3.44 -9.08
CA CYS B 88 -3.19 -2.79 -10.25
C CYS B 88 -3.04 -1.28 -10.09
N GLY B 89 -4.05 -0.65 -9.51
CA GLY B 89 -4.01 0.76 -9.18
C GLY B 89 -4.34 1.74 -10.31
N ARG B 90 -4.65 1.23 -11.49
CA ARG B 90 -4.93 2.06 -12.66
C ARG B 90 -6.38 1.92 -13.06
N CYS B 91 -6.95 3.03 -13.54
CA CYS B 91 -8.33 3.04 -14.06
C CYS B 91 -9.34 2.48 -13.07
N GLN B 92 -9.33 3.07 -11.88
CA GLN B 92 -10.31 2.71 -10.87
C GLN B 92 -11.67 3.25 -11.25
N CYS B 93 -12.65 2.37 -11.22
CA CYS B 93 -14.04 2.70 -11.50
C CYS B 93 -14.93 2.30 -10.35
N ASN B 94 -16.07 2.98 -10.23
CA ASN B 94 -17.07 2.64 -9.23
C ASN B 94 -18.49 2.88 -9.74
N THR B 95 -18.84 2.23 -10.86
CA THR B 95 -20.14 2.42 -11.48
C THR B 95 -21.10 1.37 -10.93
N GLN B 96 -22.38 1.75 -10.90
CA GLN B 96 -23.36 1.06 -10.06
C GLN B 96 -24.71 0.82 -10.73
N THR B 97 -24.75 0.85 -12.06
CA THR B 97 -26.03 0.63 -12.74
C THR B 97 -26.60 -0.74 -12.45
N ARG B 98 -27.81 -0.76 -11.88
CA ARG B 98 -28.54 -1.96 -11.52
C ARG B 98 -27.89 -2.84 -10.44
N GLU B 99 -26.83 -2.30 -9.80
CA GLU B 99 -26.15 -2.98 -8.70
C GLU B 99 -27.03 -3.00 -7.46
N ARG B 100 -27.01 -4.13 -6.78
CA ARG B 100 -27.84 -4.33 -5.60
C ARG B 100 -27.04 -4.87 -4.43
N PRO B 101 -27.59 -4.74 -3.21
CA PRO B 101 -26.81 -5.15 -2.02
C PRO B 101 -26.64 -6.66 -1.89
N GLY B 102 -25.93 -7.07 -0.87
CA GLY B 102 -25.52 -8.44 -0.74
C GLY B 102 -26.60 -9.49 -0.57
N TYR B 103 -27.82 -9.06 -0.25
CA TYR B 103 -28.96 -10.01 -0.25
C TYR B 103 -29.45 -10.35 -1.67
N GLU B 104 -28.87 -9.73 -2.69
CA GLU B 104 -28.96 -10.16 -4.12
C GLU B 104 -27.51 -10.36 -4.58
N PHE B 105 -26.88 -11.40 -4.07
CA PHE B 105 -25.42 -11.46 -3.96
C PHE B 105 -24.72 -11.34 -5.31
N PHE B 106 -25.28 -11.99 -6.34
CA PHE B 106 -24.59 -12.01 -7.63
C PHE B 106 -24.82 -10.75 -8.46
N LEU B 107 -25.55 -9.78 -7.89
CA LEU B 107 -25.70 -8.44 -8.47
C LEU B 107 -24.87 -7.39 -7.73
N HIS B 108 -24.07 -7.84 -6.77
CA HIS B 108 -23.44 -6.96 -5.78
C HIS B 108 -21.96 -6.78 -6.08
N ASN B 109 -21.46 -5.53 -6.04
CA ASN B 109 -20.07 -5.30 -6.41
C ASN B 109 -19.20 -4.67 -5.30
N ASP B 110 -19.65 -4.72 -4.03
CA ASP B 110 -18.83 -4.27 -2.90
C ASP B 110 -18.17 -5.46 -2.21
N VAL B 111 -18.13 -6.61 -2.89
CA VAL B 111 -17.39 -7.77 -2.44
C VAL B 111 -16.31 -8.14 -3.46
N ASN B 112 -15.29 -8.82 -3.00
CA ASN B 112 -14.16 -9.26 -3.81
C ASN B 112 -14.52 -10.53 -4.55
N TRP B 113 -14.72 -10.43 -5.86
CA TRP B 113 -15.13 -11.61 -6.62
C TRP B 113 -13.96 -12.59 -6.84
N CYS B 114 -12.76 -12.25 -6.34
CA CYS B 114 -11.63 -13.20 -6.18
C CYS B 114 -11.76 -14.07 -4.92
N MET B 115 -12.87 -13.94 -4.18
CA MET B 115 -12.96 -14.55 -2.83
C MET B 115 -12.76 -16.06 -2.76
N ALA B 116 -12.98 -16.77 -3.85
CA ALA B 116 -12.84 -18.23 -3.88
C ALA B 116 -11.67 -18.73 -4.71
N ASN B 117 -10.83 -17.82 -5.19
CA ASN B 117 -9.62 -18.19 -5.96
C ASN B 117 -8.54 -18.77 -5.05
N GLU B 118 -7.62 -19.53 -5.65
CA GLU B 118 -6.48 -20.08 -4.90
C GLU B 118 -5.76 -18.99 -4.12
N ASN B 119 -5.58 -17.84 -4.77
CA ASN B 119 -5.19 -16.64 -4.05
C ASN B 119 -6.17 -15.51 -4.28
N SER B 120 -6.75 -15.01 -3.19
CA SER B 120 -7.84 -14.04 -3.27
C SER B 120 -7.38 -12.59 -3.40
N THR B 121 -6.09 -12.32 -3.48
CA THR B 121 -5.66 -10.94 -3.61
C THR B 121 -6.25 -10.36 -4.91
N PHE B 122 -6.85 -9.19 -4.82
CA PHE B 122 -7.56 -8.58 -5.96
C PHE B 122 -6.60 -7.75 -6.82
N HIS B 123 -6.56 -8.05 -8.12
CA HIS B 123 -5.69 -7.32 -9.04
C HIS B 123 -6.42 -6.29 -9.91
N CYS B 124 -7.42 -6.76 -10.63
CA CYS B 124 -8.22 -5.91 -11.53
C CYS B 124 -9.53 -6.61 -11.89
N THR B 125 -10.46 -5.87 -12.52
CA THR B 125 -11.76 -6.37 -12.90
C THR B 125 -11.94 -6.29 -14.42
N THR B 126 -12.57 -7.35 -14.99
CA THR B 126 -12.87 -7.46 -16.45
C THR B 126 -14.39 -7.30 -16.62
N SER B 127 -14.80 -7.06 -17.87
CA SER B 127 -16.20 -6.86 -18.22
C SER B 127 -16.49 -7.76 -19.43
N VAL B 128 -17.04 -8.94 -19.19
CA VAL B 128 -17.14 -9.98 -20.23
C VAL B 128 -18.58 -10.02 -20.74
N LEU B 129 -18.73 -9.85 -22.04
CA LEU B 129 -20.07 -9.88 -22.64
C LEU B 129 -20.58 -11.31 -22.76
N VAL B 130 -21.71 -11.59 -22.11
CA VAL B 130 -22.31 -12.92 -22.11
C VAL B 130 -23.27 -13.07 -23.28
N GLY B 131 -24.20 -12.12 -23.40
CA GLY B 131 -25.20 -12.16 -24.48
C GLY B 131 -26.29 -11.12 -24.29
N LEU B 132 -27.38 -11.25 -25.04
CA LEU B 132 -28.48 -10.28 -24.96
C LEU B 132 -29.22 -10.31 -23.63
N ARG C 1 21.11 12.13 29.19
CA ARG C 1 20.95 11.33 27.94
C ARG C 1 19.51 10.81 27.84
N GLU C 2 18.86 11.03 26.69
CA GLU C 2 17.51 10.50 26.48
C GLU C 2 17.57 9.02 26.15
N VAL C 3 16.52 8.27 26.51
CA VAL C 3 16.45 6.85 26.16
C VAL C 3 15.08 6.60 25.53
N LEU C 4 15.10 5.97 24.35
CA LEU C 4 13.89 5.57 23.67
C LEU C 4 13.27 4.37 24.35
N THR C 5 11.97 4.47 24.65
CA THR C 5 11.21 3.40 25.26
C THR C 5 9.96 3.06 24.42
N GLY C 6 9.58 1.80 24.50
CA GLY C 6 8.29 1.27 24.03
C GLY C 6 7.40 0.92 25.20
N GLY C 7 6.33 0.17 24.92
CA GLY C 7 5.40 -0.27 25.92
C GLY C 7 4.36 0.75 26.37
N HIS C 8 4.23 1.88 25.68
CA HIS C 8 3.36 2.94 26.12
C HIS C 8 1.93 2.76 25.68
N SER C 9 1.03 3.36 26.43
CA SER C 9 -0.39 3.35 26.14
C SER C 9 -0.78 4.59 25.36
N VAL C 10 -1.93 4.49 24.70
CA VAL C 10 -2.50 5.60 23.96
C VAL C 10 -2.62 6.80 24.88
N SER C 11 -2.28 7.95 24.36
CA SER C 11 -2.05 9.14 25.21
C SER C 11 -3.32 9.87 25.61
N ALA C 12 -4.44 9.62 24.95
CA ALA C 12 -5.71 10.28 25.24
C ALA C 12 -6.67 9.28 25.85
N PRO C 13 -7.61 9.71 26.67
CA PRO C 13 -8.55 8.76 27.27
C PRO C 13 -9.44 8.07 26.24
N GLN C 14 -9.93 6.87 26.58
CA GLN C 14 -10.75 6.05 25.67
C GLN C 14 -11.90 6.86 25.11
N GLU C 15 -12.51 7.69 25.94
CA GLU C 15 -13.70 8.42 25.55
C GLU C 15 -13.42 9.43 24.44
N ASN C 16 -12.18 9.77 24.16
CA ASN C 16 -11.82 10.70 23.08
C ASN C 16 -11.56 9.99 21.75
N ARG C 17 -11.52 8.66 21.76
CA ARG C 17 -10.97 7.92 20.61
C ARG C 17 -12.01 7.52 19.59
N ILE C 18 -11.59 7.62 18.32
CA ILE C 18 -12.32 7.10 17.16
C ILE C 18 -11.37 6.25 16.33
N TYR C 19 -11.99 5.42 15.51
CA TYR C 19 -11.33 4.37 14.72
C TYR C 19 -11.71 4.52 13.26
N VAL C 20 -10.75 4.88 12.43
CA VAL C 20 -10.97 5.09 11.01
C VAL C 20 -10.39 3.87 10.32
N MET C 21 -11.26 3.05 9.72
CA MET C 21 -10.82 1.84 9.05
C MET C 21 -10.36 2.17 7.64
N ASP C 22 -9.05 2.21 7.42
CA ASP C 22 -8.49 2.59 6.14
C ASP C 22 -8.24 1.33 5.32
N SER C 23 -9.07 1.13 4.30
CA SER C 23 -8.91 0.00 3.40
C SER C 23 -7.63 0.09 2.60
N VAL C 24 -7.14 1.31 2.35
CA VAL C 24 -5.99 1.51 1.49
C VAL C 24 -6.19 0.69 0.21
N PHE C 25 -7.30 0.93 -0.47
CA PHE C 25 -7.68 0.08 -1.59
C PHE C 25 -6.57 0.02 -2.67
N MET C 26 -5.83 1.09 -2.86
CA MET C 26 -4.75 1.06 -3.84
C MET C 26 -3.64 0.08 -3.47
N HIS C 27 -3.53 -0.23 -2.16
CA HIS C 27 -2.57 -1.18 -1.62
C HIS C 27 -3.27 -1.99 -0.53
N LEU C 28 -4.30 -2.73 -0.96
CA LEU C 28 -5.26 -3.33 -0.07
C LEU C 28 -4.68 -4.38 0.86
N THR C 29 -3.47 -4.88 0.57
CA THR C 29 -2.81 -5.78 1.50
C THR C 29 -2.23 -5.08 2.72
N GLU C 30 -2.24 -3.74 2.74
CA GLU C 30 -1.74 -2.96 3.89
C GLU C 30 -2.81 -2.06 4.46
N SER C 31 -4.04 -2.58 4.53
CA SER C 31 -5.13 -1.92 5.24
C SER C 31 -4.76 -1.76 6.72
N ARG C 32 -5.37 -0.79 7.39
CA ARG C 32 -5.09 -0.57 8.80
C ARG C 32 -6.18 0.26 9.40
N VAL C 33 -6.23 0.27 10.73
CA VAL C 33 -7.12 1.11 11.50
C VAL C 33 -6.28 2.29 12.02
N HIS C 34 -6.75 3.51 11.76
CA HIS C 34 -6.12 4.69 12.35
C HIS C 34 -6.95 5.14 13.54
N VAL C 35 -6.26 5.40 14.66
CA VAL C 35 -6.89 5.85 15.91
C VAL C 35 -6.64 7.32 16.09
N TYR C 36 -7.73 8.07 16.25
CA TYR C 36 -7.69 9.53 16.35
C TYR C 36 -8.40 9.98 17.59
N ASP C 37 -7.98 11.15 18.09
CA ASP C 37 -8.72 11.88 19.12
C ASP C 37 -9.71 12.83 18.43
N TYR C 38 -11.02 12.61 18.59
CA TYR C 38 -11.99 13.45 17.88
C TYR C 38 -12.07 14.85 18.42
N THR C 39 -11.56 15.08 19.62
CA THR C 39 -11.66 16.41 20.24
C THR C 39 -10.65 17.39 19.67
N ASN C 40 -9.55 16.90 19.13
CA ASN C 40 -8.51 17.79 18.62
C ASN C 40 -7.85 17.33 17.33
N GLY C 41 -8.30 16.19 16.78
CA GLY C 41 -7.74 15.67 15.56
C GLY C 41 -6.38 14.99 15.62
N LYS C 42 -5.87 14.78 16.82
CA LYS C 42 -4.55 14.19 16.98
C LYS C 42 -4.57 12.70 16.62
N PHE C 43 -3.58 12.30 15.85
CA PHE C 43 -3.31 10.88 15.57
C PHE C 43 -2.72 10.17 16.78
N LEU C 44 -3.37 9.11 17.24
CA LEU C 44 -3.00 8.42 18.48
C LEU C 44 -2.28 7.09 18.27
N GLY C 45 -2.46 6.48 17.11
CA GLY C 45 -1.85 5.19 16.82
C GLY C 45 -2.63 4.46 15.77
N MET C 46 -2.23 3.22 15.55
CA MET C 46 -2.82 2.43 14.47
C MET C 46 -2.69 0.94 14.75
N VAL C 47 -3.53 0.15 14.09
CA VAL C 47 -3.46 -1.31 14.13
C VAL C 47 -3.39 -1.82 12.68
N PRO C 48 -2.34 -2.57 12.32
CA PRO C 48 -2.24 -3.14 10.95
C PRO C 48 -3.24 -4.26 10.77
N THR C 49 -3.87 -4.32 9.60
CA THR C 49 -4.90 -5.31 9.33
C THR C 49 -4.74 -6.01 7.97
N ALA C 50 -3.55 -6.06 7.41
CA ALA C 50 -3.27 -6.93 6.27
C ALA C 50 -4.26 -6.71 5.13
N PHE C 51 -4.77 -7.78 4.51
CA PHE C 51 -5.63 -7.63 3.37
C PHE C 51 -7.06 -7.37 3.75
N ASN C 52 -7.58 -6.20 3.38
CA ASN C 52 -9.00 -5.89 3.52
C ASN C 52 -9.49 -6.17 4.94
N GLY C 53 -8.86 -5.54 5.90
CA GLY C 53 -9.23 -5.74 7.29
C GLY C 53 -10.60 -5.14 7.59
N HIS C 54 -11.28 -5.74 8.59
CA HIS C 54 -12.45 -5.18 9.23
C HIS C 54 -12.14 -5.00 10.71
N VAL C 55 -12.88 -4.12 11.37
CA VAL C 55 -12.55 -3.78 12.76
C VAL C 55 -13.81 -3.46 13.54
N GLN C 56 -13.75 -3.75 14.83
CA GLN C 56 -14.72 -3.24 15.80
C GLN C 56 -14.04 -3.18 17.15
N VAL C 57 -14.61 -2.42 18.06
CA VAL C 57 -14.06 -2.33 19.42
C VAL C 57 -14.98 -3.14 20.32
N SER C 58 -14.46 -3.88 21.29
CA SER C 58 -15.29 -4.66 22.19
C SER C 58 -16.28 -3.74 22.90
N ASN C 59 -17.49 -4.25 23.18
CA ASN C 59 -18.52 -3.45 23.82
C ASN C 59 -18.06 -2.90 25.19
N ASP C 60 -17.21 -3.64 25.87
CA ASP C 60 -16.67 -3.20 27.16
C ASP C 60 -15.48 -2.23 27.05
N GLY C 61 -15.08 -1.89 25.84
CA GLY C 61 -14.05 -0.90 25.62
C GLY C 61 -12.61 -1.34 25.83
N LYS C 62 -12.38 -2.60 26.17
CA LYS C 62 -11.04 -3.05 26.56
C LYS C 62 -10.17 -3.56 25.41
N LYS C 63 -10.81 -4.06 24.34
CA LYS C 63 -10.11 -4.73 23.25
C LYS C 63 -10.56 -4.22 21.89
N ILE C 64 -9.66 -4.33 20.92
CA ILE C 64 -10.00 -4.10 19.53
C ILE C 64 -10.01 -5.46 18.86
N TYR C 65 -11.04 -5.71 18.06
CA TYR C 65 -11.13 -6.93 17.26
C TYR C 65 -10.91 -6.58 15.79
N THR C 66 -10.05 -7.35 15.13
CA THR C 66 -9.87 -7.24 13.69
C THR C 66 -10.18 -8.56 13.04
N MET C 67 -10.54 -8.50 11.76
CA MET C 67 -10.77 -9.66 10.94
C MET C 67 -10.01 -9.40 9.65
N THR C 68 -9.27 -10.41 9.20
CA THR C 68 -8.42 -10.25 8.02
C THR C 68 -8.03 -11.58 7.44
N THR C 69 -7.33 -11.50 6.32
CA THR C 69 -6.82 -12.66 5.60
C THR C 69 -5.33 -12.48 5.40
N TYR C 70 -4.60 -13.56 5.70
CA TYR C 70 -3.19 -13.72 5.39
C TYR C 70 -2.99 -14.88 4.40
N HIS C 71 -1.86 -14.83 3.68
CA HIS C 71 -1.35 -16.00 2.96
C HIS C 71 0.12 -16.13 3.28
N GLU C 72 0.62 -17.35 3.23
CA GLU C 72 2.03 -17.59 3.59
C GLU C 72 3.01 -16.69 2.85
N ARG C 73 2.72 -16.41 1.59
CA ARG C 73 3.52 -15.51 0.77
C ARG C 73 2.68 -14.44 0.07
N ILE C 74 1.61 -14.02 0.77
CA ILE C 74 0.74 -12.88 0.42
C ILE C 74 -0.12 -13.18 -0.82
N THR C 75 0.54 -13.27 -1.98
CA THR C 75 -0.12 -13.54 -3.26
C THR C 75 -0.06 -15.01 -3.67
N ARG C 76 0.55 -15.85 -2.84
CA ARG C 76 0.56 -17.30 -3.01
C ARG C 76 0.69 -17.92 -1.63
N GLY C 77 0.50 -19.22 -1.58
CA GLY C 77 0.58 -19.98 -0.35
C GLY C 77 -0.74 -20.10 0.39
N LYS C 78 -0.70 -20.79 1.53
CA LYS C 78 -1.91 -21.13 2.26
C LYS C 78 -2.58 -19.91 2.86
N ARG C 79 -3.90 -19.87 2.71
CA ARG C 79 -4.76 -18.83 3.28
C ARG C 79 -5.03 -19.09 4.76
N SER C 80 -5.01 -18.01 5.53
CA SER C 80 -5.45 -18.02 6.94
C SER C 80 -6.38 -16.82 7.15
N ASP C 81 -7.66 -17.09 7.31
CA ASP C 81 -8.62 -16.06 7.74
C ASP C 81 -8.65 -16.10 9.26
N VAL C 82 -8.65 -14.93 9.91
CA VAL C 82 -8.56 -14.85 11.36
C VAL C 82 -9.36 -13.69 11.88
N VAL C 83 -9.71 -13.82 13.15
CA VAL C 83 -10.00 -12.69 14.01
C VAL C 83 -8.80 -12.49 14.93
N GLU C 84 -8.37 -11.26 15.13
CA GLU C 84 -7.34 -10.94 16.13
C GLU C 84 -7.91 -10.07 17.22
N VAL C 85 -7.45 -10.34 18.44
CA VAL C 85 -7.79 -9.54 19.61
C VAL C 85 -6.55 -8.76 19.98
N TRP C 86 -6.74 -7.45 20.08
CA TRP C 86 -5.72 -6.49 20.39
C TRP C 86 -6.10 -5.75 21.67
N ASP C 87 -5.10 -5.39 22.46
CA ASP C 87 -5.38 -4.53 23.60
C ASP C 87 -5.68 -3.12 23.14
N ALA C 88 -6.78 -2.54 23.61
CA ALA C 88 -7.19 -1.21 23.16
C ALA C 88 -6.27 -0.10 23.61
N ASP C 89 -5.65 -0.23 24.79
CA ASP C 89 -4.79 0.85 25.27
C ASP C 89 -3.36 0.76 24.82
N LYS C 90 -2.82 -0.45 24.74
CA LYS C 90 -1.45 -0.66 24.29
C LYS C 90 -1.34 -0.84 22.77
N LEU C 91 -2.48 -1.03 22.09
CA LEU C 91 -2.51 -1.29 20.63
C LEU C 91 -1.51 -2.40 20.25
N THR C 92 -1.54 -3.49 21.05
CA THR C 92 -0.72 -4.68 20.83
C THR C 92 -1.57 -5.89 20.56
N PHE C 93 -1.00 -6.80 19.78
CA PHE C 93 -1.63 -8.04 19.45
C PHE C 93 -1.63 -8.97 20.66
N GLU C 94 -2.75 -9.62 20.90
CA GLU C 94 -2.87 -10.59 21.99
C GLU C 94 -3.14 -12.03 21.52
N LYS C 95 -4.12 -12.22 20.65
CA LYS C 95 -4.61 -13.55 20.33
C LYS C 95 -5.13 -13.59 18.90
N GLU C 96 -4.87 -14.69 18.22
CA GLU C 96 -5.44 -15.01 16.92
C GLU C 96 -6.47 -16.11 17.06
N ILE C 97 -7.61 -15.95 16.42
CA ILE C 97 -8.69 -16.94 16.38
C ILE C 97 -8.86 -17.41 14.94
N SER C 98 -8.67 -18.70 14.69
CA SER C 98 -8.79 -19.23 13.34
C SER C 98 -10.22 -19.27 12.86
N LEU C 99 -10.45 -18.84 11.63
CA LEU C 99 -11.72 -18.91 10.96
C LEU C 99 -11.63 -19.89 9.78
N PRO C 100 -12.74 -20.44 9.33
CA PRO C 100 -12.73 -21.14 8.05
C PRO C 100 -12.45 -20.11 6.92
N PRO C 101 -11.86 -20.55 5.81
CA PRO C 101 -11.36 -19.61 4.77
C PRO C 101 -12.45 -19.08 3.85
N LYS C 102 -13.40 -18.40 4.45
CA LYS C 102 -14.56 -17.85 3.77
C LYS C 102 -15.08 -16.54 4.43
N ARG C 103 -14.26 -15.88 5.24
CA ARG C 103 -14.73 -14.63 5.82
C ARG C 103 -14.96 -13.64 4.69
N VAL C 104 -15.97 -12.79 4.85
CA VAL C 104 -16.29 -11.80 3.80
C VAL C 104 -15.12 -10.93 3.48
N GLN C 105 -14.76 -10.87 2.20
CA GLN C 105 -13.83 -9.89 1.67
C GLN C 105 -14.66 -8.87 0.93
N GLY C 106 -14.66 -7.64 1.40
CA GLY C 106 -15.52 -6.62 0.85
C GLY C 106 -15.43 -5.34 1.62
N LEU C 107 -16.10 -4.31 1.13
CA LEU C 107 -16.09 -2.99 1.73
C LEU C 107 -16.64 -3.01 3.15
N ASN C 108 -16.20 -2.04 3.95
CA ASN C 108 -16.41 -2.01 5.42
C ASN C 108 -17.77 -1.50 5.86
N TYR C 109 -18.84 -2.20 5.48
CA TYR C 109 -20.11 -1.98 6.10
C TYR C 109 -20.07 -2.50 7.54
N ASP C 110 -20.69 -1.77 8.48
CA ASP C 110 -20.69 -2.19 9.87
C ASP C 110 -21.17 -3.63 10.03
N GLY C 111 -22.20 -4.01 9.28
CA GLY C 111 -22.90 -5.25 9.53
C GLY C 111 -22.18 -6.50 9.08
N LEU C 112 -20.95 -6.36 8.56
CA LEU C 112 -20.18 -7.53 8.19
C LEU C 112 -19.36 -8.11 9.35
N PHE C 113 -19.22 -7.36 10.44
CA PHE C 113 -18.33 -7.75 11.54
C PHE C 113 -18.86 -7.06 12.79
N ARG C 114 -19.63 -7.79 13.60
CA ARG C 114 -20.38 -7.25 14.72
C ARG C 114 -20.15 -8.13 15.96
N GLN C 115 -20.89 -7.85 17.01
CA GLN C 115 -20.82 -8.67 18.23
C GLN C 115 -22.17 -8.65 18.88
N THR C 116 -22.44 -9.66 19.72
CA THR C 116 -23.66 -9.68 20.50
C THR C 116 -23.66 -8.50 21.50
N THR C 117 -24.84 -8.11 21.94
CA THR C 117 -24.95 -7.03 22.92
C THR C 117 -24.14 -7.31 24.19
N ASP C 118 -24.12 -8.55 24.66
CA ASP C 118 -23.36 -8.88 25.87
C ASP C 118 -21.85 -8.96 25.65
N GLY C 119 -21.40 -8.83 24.41
CA GLY C 119 -20.01 -8.81 24.10
C GLY C 119 -19.33 -10.17 24.10
N LYS C 120 -20.08 -11.25 24.36
CA LYS C 120 -19.42 -12.53 24.52
C LYS C 120 -19.12 -13.24 23.21
N PHE C 121 -19.81 -12.84 22.13
CA PHE C 121 -19.66 -13.46 20.82
C PHE C 121 -19.47 -12.43 19.73
N ILE C 122 -18.51 -12.72 18.86
CA ILE C 122 -18.29 -11.97 17.62
C ILE C 122 -19.13 -12.67 16.55
N VAL C 123 -19.83 -11.89 15.75
CA VAL C 123 -20.77 -12.40 14.75
C VAL C 123 -20.33 -11.80 13.43
N LEU C 124 -19.94 -12.63 12.48
CA LEU C 124 -19.31 -12.15 11.23
C LEU C 124 -19.94 -12.79 10.00
N GLN C 125 -19.86 -12.07 8.88
CA GLN C 125 -20.42 -12.57 7.62
C GLN C 125 -19.40 -13.39 6.84
N ASN C 126 -19.82 -14.56 6.36
CA ASN C 126 -19.03 -15.40 5.45
C ASN C 126 -19.62 -15.34 4.05
N ALA C 127 -18.75 -15.55 3.07
CA ALA C 127 -19.18 -15.74 1.68
C ALA C 127 -18.17 -16.63 0.98
N SER C 128 -18.65 -17.74 0.41
CA SER C 128 -17.76 -18.69 -0.22
C SER C 128 -17.88 -18.99 -1.73
N PRO C 129 -18.84 -18.47 -2.49
CA PRO C 129 -19.64 -17.29 -2.24
C PRO C 129 -20.99 -17.57 -1.54
N ALA C 130 -21.31 -18.83 -1.25
CA ALA C 130 -22.50 -19.12 -0.46
C ALA C 130 -22.38 -18.41 0.88
N THR C 131 -23.45 -17.83 1.37
CA THR C 131 -23.37 -17.03 2.59
C THR C 131 -23.79 -17.79 3.83
N SER C 132 -23.12 -17.48 4.94
CA SER C 132 -23.50 -17.98 6.25
C SER C 132 -22.95 -17.00 7.26
N ILE C 133 -23.38 -17.14 8.51
CA ILE C 133 -22.91 -16.26 9.58
C ILE C 133 -22.03 -17.08 10.52
N GLY C 134 -20.83 -16.58 10.83
CA GLY C 134 -19.90 -17.28 11.71
C GLY C 134 -19.93 -16.67 13.10
N ILE C 135 -19.81 -17.52 14.12
CA ILE C 135 -19.84 -17.10 15.52
C ILE C 135 -18.52 -17.48 16.18
N VAL C 136 -17.89 -16.49 16.77
CA VAL C 136 -16.67 -16.63 17.54
C VAL C 136 -16.94 -16.38 19.01
N ASP C 137 -16.56 -17.35 19.82
CA ASP C 137 -16.59 -17.23 21.26
C ASP C 137 -15.32 -16.53 21.72
N VAL C 138 -15.49 -15.31 22.21
CA VAL C 138 -14.35 -14.47 22.59
C VAL C 138 -13.51 -15.08 23.72
N ALA C 139 -14.18 -15.54 24.77
CA ALA C 139 -13.47 -16.07 25.93
C ALA C 139 -12.69 -17.32 25.58
N LYS C 140 -13.30 -18.21 24.78
CA LYS C 140 -12.64 -19.44 24.38
C LYS C 140 -11.62 -19.25 23.26
N GLY C 141 -11.74 -18.14 22.52
CA GLY C 141 -10.89 -17.88 21.36
C GLY C 141 -11.09 -18.88 20.23
N ASP C 142 -12.35 -19.24 19.98
CA ASP C 142 -12.71 -20.32 19.06
C ASP C 142 -13.88 -19.94 18.16
N TYR C 143 -13.85 -20.38 16.92
CA TYR C 143 -15.01 -20.35 16.02
C TYR C 143 -15.94 -21.50 16.40
N VAL C 144 -17.13 -21.18 16.88
CA VAL C 144 -17.95 -22.20 17.52
C VAL C 144 -19.25 -22.55 16.80
N GLU C 145 -19.66 -21.76 15.81
CA GLU C 145 -20.93 -22.01 15.12
C GLU C 145 -20.92 -21.40 13.74
N ASP C 146 -21.61 -22.06 12.83
CA ASP C 146 -21.72 -21.58 11.44
C ASP C 146 -23.19 -21.64 11.12
N VAL C 147 -23.84 -20.48 10.99
CA VAL C 147 -25.28 -20.42 10.81
C VAL C 147 -25.63 -20.55 9.34
N THR C 148 -25.75 -21.79 8.88
CA THR C 148 -26.15 -22.05 7.49
C THR C 148 -27.60 -21.68 7.19
N ALA C 149 -28.42 -21.55 8.22
CA ALA C 149 -29.79 -21.09 8.05
C ALA C 149 -29.87 -19.69 7.42
N ALA C 150 -28.79 -18.91 7.52
CA ALA C 150 -28.70 -17.58 6.91
C ALA C 150 -28.25 -17.59 5.45
N ALA C 151 -28.20 -18.76 4.81
CA ALA C 151 -27.88 -18.79 3.40
C ALA C 151 -28.84 -17.91 2.61
N GLY C 152 -28.29 -17.12 1.68
CA GLY C 152 -29.06 -16.17 0.91
C GLY C 152 -29.43 -14.88 1.63
N CYS C 153 -28.93 -14.72 2.85
CA CYS C 153 -29.08 -13.50 3.61
C CYS C 153 -27.75 -12.76 3.65
N TRP C 154 -27.79 -11.56 4.21
CA TRP C 154 -26.61 -10.72 4.26
C TRP C 154 -26.67 -9.72 5.38
N SER C 155 -25.56 -9.66 6.12
CA SER C 155 -25.23 -8.70 7.16
C SER C 155 -25.89 -9.02 8.50
N VAL C 156 -25.32 -8.42 9.54
CA VAL C 156 -25.64 -8.74 10.95
C VAL C 156 -26.11 -7.45 11.62
N ILE C 157 -27.35 -7.44 12.11
CA ILE C 157 -27.91 -6.32 12.91
C ILE C 157 -28.16 -6.83 14.34
N PRO C 158 -27.29 -6.52 15.31
CA PRO C 158 -27.52 -6.98 16.68
C PRO C 158 -28.75 -6.34 17.25
N GLN C 159 -29.44 -7.04 18.14
CA GLN C 159 -30.57 -6.48 18.86
C GLN C 159 -30.09 -5.94 20.21
N PRO C 160 -30.08 -4.61 20.41
CA PRO C 160 -29.54 -4.06 21.67
C PRO C 160 -30.34 -4.37 22.92
N ASN C 161 -31.53 -4.96 22.78
CA ASN C 161 -32.39 -5.31 23.90
C ASN C 161 -32.32 -6.75 24.34
N ARG C 162 -31.46 -7.55 23.70
CA ARG C 162 -31.25 -8.96 24.07
C ARG C 162 -29.76 -9.24 24.07
N PRO C 163 -29.32 -10.17 24.91
CA PRO C 163 -27.89 -10.36 25.09
C PRO C 163 -27.12 -10.97 23.93
N ARG C 164 -27.78 -11.86 23.18
CA ARG C 164 -27.09 -12.67 22.15
C ARG C 164 -27.99 -12.93 20.95
N SER C 165 -28.69 -11.89 20.52
CA SER C 165 -29.60 -11.99 19.38
C SER C 165 -29.21 -10.99 18.28
N PHE C 166 -29.45 -11.38 17.04
CA PHE C 166 -29.18 -10.51 15.90
C PHE C 166 -30.08 -10.92 14.75
N MET C 167 -30.18 -10.04 13.78
CA MET C 167 -30.99 -10.24 12.58
C MET C 167 -30.14 -10.11 11.35
N THR C 168 -30.63 -10.69 10.27
CA THR C 168 -30.00 -10.55 8.99
C THR C 168 -31.06 -10.37 7.90
N ILE C 169 -30.68 -9.68 6.83
CA ILE C 169 -31.59 -9.38 5.72
C ILE C 169 -31.54 -10.47 4.68
N CYS C 170 -32.70 -11.05 4.37
CA CYS C 170 -32.75 -12.20 3.47
C CYS C 170 -33.29 -11.86 2.06
N GLY C 171 -33.05 -12.79 1.15
CA GLY C 171 -33.41 -12.62 -0.27
C GLY C 171 -34.88 -12.57 -0.55
N ASP C 172 -35.69 -12.93 0.43
CA ASP C 172 -37.15 -12.82 0.35
C ASP C 172 -37.67 -11.45 0.78
N GLY C 173 -36.76 -10.55 1.20
CA GLY C 173 -37.18 -9.22 1.63
C GLY C 173 -37.62 -9.17 3.09
N GLY C 174 -37.39 -10.26 3.81
CA GLY C 174 -37.68 -10.36 5.23
C GLY C 174 -36.40 -10.44 6.04
N LEU C 175 -36.57 -10.63 7.34
CA LEU C 175 -35.47 -10.70 8.29
C LEU C 175 -35.46 -12.04 8.97
N LEU C 176 -34.29 -12.63 9.09
CA LEU C 176 -34.07 -13.81 9.89
C LEU C 176 -33.43 -13.39 11.21
N THR C 177 -34.05 -13.78 12.32
CA THR C 177 -33.54 -13.53 13.67
C THR C 177 -32.92 -14.79 14.23
N ILE C 178 -31.72 -14.65 14.78
CA ILE C 178 -30.99 -15.72 15.42
C ILE C 178 -30.76 -15.35 16.86
N ASN C 179 -31.09 -16.26 17.75
CA ASN C 179 -30.85 -16.11 19.17
C ASN C 179 -29.84 -17.15 19.55
N LEU C 180 -28.66 -16.75 19.98
CA LEU C 180 -27.61 -17.70 20.34
C LEU C 180 -27.72 -18.11 21.79
N GLY C 181 -27.39 -19.35 22.09
CA GLY C 181 -27.29 -19.76 23.48
C GLY C 181 -25.99 -19.30 24.10
N GLU C 182 -25.80 -19.58 25.37
CA GLU C 182 -24.61 -19.12 26.07
C GLU C 182 -23.34 -19.84 25.65
N ASP C 183 -23.50 -20.88 24.84
CA ASP C 183 -22.41 -21.58 24.19
C ASP C 183 -22.10 -21.05 22.77
N GLY C 184 -22.86 -20.07 22.31
CA GLY C 184 -22.67 -19.53 20.95
C GLY C 184 -23.32 -20.31 19.83
N LYS C 185 -23.98 -21.42 20.17
CA LYS C 185 -24.72 -22.19 19.18
C LYS C 185 -26.12 -21.60 19.05
N VAL C 186 -26.75 -21.79 17.90
CA VAL C 186 -28.08 -21.27 17.71
C VAL C 186 -29.06 -21.91 18.69
N ALA C 187 -29.71 -21.08 19.48
CA ALA C 187 -30.68 -21.59 20.45
C ALA C 187 -32.10 -21.55 19.90
N SER C 188 -32.42 -20.57 19.04
CA SER C 188 -33.67 -20.49 18.33
C SER C 188 -33.54 -19.49 17.21
N GLN C 189 -34.52 -19.47 16.34
CA GLN C 189 -34.55 -18.55 15.23
C GLN C 189 -35.97 -18.26 14.82
N SER C 190 -36.15 -17.19 14.08
CA SER C 190 -37.46 -16.89 13.50
C SER C 190 -37.32 -16.05 12.24
N ARG C 191 -38.35 -16.08 11.41
CA ARG C 191 -38.38 -15.34 10.16
C ARG C 191 -39.55 -14.39 10.17
N SER C 192 -39.33 -13.13 9.81
CA SER C 192 -40.41 -12.18 9.69
C SER C 192 -41.17 -12.38 8.40
N LYS C 193 -42.30 -11.69 8.30
CA LYS C 193 -42.98 -11.53 7.02
C LYS C 193 -42.14 -10.61 6.12
N GLN C 194 -42.47 -10.55 4.84
CA GLN C 194 -41.75 -9.68 3.93
C GLN C 194 -41.83 -8.24 4.41
N MET C 195 -40.67 -7.61 4.56
CA MET C 195 -40.62 -6.20 4.90
C MET C 195 -40.62 -5.28 3.67
N PHE C 196 -39.79 -5.59 2.69
CA PHE C 196 -39.63 -4.76 1.48
C PHE C 196 -39.59 -5.66 0.26
N SER C 197 -39.94 -5.07 -0.87
CA SER C 197 -39.85 -5.76 -2.14
C SER C 197 -38.41 -5.68 -2.66
N VAL C 198 -37.75 -6.81 -2.76
CA VAL C 198 -36.36 -6.86 -3.24
C VAL C 198 -36.27 -6.25 -4.63
N LYS C 199 -37.22 -6.60 -5.50
CA LYS C 199 -37.17 -6.10 -6.86
C LYS C 199 -37.59 -4.65 -7.00
N ASP C 200 -38.60 -4.22 -6.28
CA ASP C 200 -39.20 -2.91 -6.57
C ASP C 200 -38.71 -1.80 -5.64
N ASP C 201 -38.24 -2.16 -4.45
CA ASP C 201 -37.82 -1.10 -3.51
C ASP C 201 -36.71 -1.61 -2.57
N PRO C 202 -35.56 -1.95 -3.15
CA PRO C 202 -34.47 -2.50 -2.35
C PRO C 202 -34.00 -1.51 -1.29
N ILE C 203 -33.72 -2.04 -0.10
CA ILE C 203 -33.14 -1.24 1.00
C ILE C 203 -31.64 -1.30 1.01
N PHE C 204 -31.07 -0.22 1.52
CA PHE C 204 -29.68 -0.22 1.96
C PHE C 204 -29.59 -1.09 3.22
N ILE C 205 -28.50 -1.82 3.33
CA ILE C 205 -28.33 -2.72 4.47
C ILE C 205 -28.08 -2.01 5.80
N ALA C 206 -27.60 -0.78 5.76
CA ALA C 206 -27.22 -0.09 7.00
C ALA C 206 -28.42 0.25 7.86
N PRO C 207 -28.49 -0.26 9.10
CA PRO C 207 -29.62 0.05 9.98
C PRO C 207 -29.47 1.37 10.70
N ALA C 208 -30.59 2.04 10.92
CA ALA C 208 -30.67 3.14 11.89
C ALA C 208 -31.22 2.46 13.13
N LEU C 209 -30.33 2.09 14.05
CA LEU C 209 -30.64 1.10 15.06
C LEU C 209 -30.99 1.72 16.40
N ASP C 210 -32.19 1.41 16.88
CA ASP C 210 -32.66 1.79 18.21
C ASP C 210 -32.51 0.61 19.17
N LYS C 211 -32.93 0.78 20.42
CA LYS C 211 -32.80 -0.27 21.39
C LYS C 211 -33.67 -1.47 21.06
N ASP C 212 -34.85 -1.24 20.48
CA ASP C 212 -35.84 -2.30 20.23
C ASP C 212 -36.43 -2.30 18.84
N LYS C 213 -35.83 -1.52 17.96
CA LYS C 213 -36.26 -1.46 16.58
C LYS C 213 -35.16 -0.93 15.69
N ALA C 214 -35.28 -1.19 14.40
CA ALA C 214 -34.33 -0.73 13.39
C ALA C 214 -35.08 -0.20 12.20
N HIS C 215 -34.56 0.89 11.64
CA HIS C 215 -35.11 1.50 10.42
C HIS C 215 -34.11 1.33 9.29
N PHE C 216 -34.65 1.19 8.08
CA PHE C 216 -33.82 1.03 6.87
C PHE C 216 -34.35 1.97 5.83
N VAL C 217 -33.47 2.57 5.04
CA VAL C 217 -33.90 3.40 3.92
C VAL C 217 -33.72 2.66 2.60
N SER C 218 -34.50 3.05 1.60
CA SER C 218 -34.47 2.37 0.33
C SER C 218 -33.83 3.21 -0.76
N TYR C 219 -33.55 2.55 -1.88
CA TYR C 219 -32.96 3.18 -3.03
C TYR C 219 -33.80 4.35 -3.53
N TYR C 220 -35.11 4.32 -3.28
CA TYR C 220 -36.03 5.35 -3.77
C TYR C 220 -36.50 6.30 -2.68
N GLY C 221 -35.88 6.22 -1.50
CA GLY C 221 -36.18 7.17 -0.44
C GLY C 221 -37.33 6.78 0.45
N ASN C 222 -37.62 5.49 0.55
CA ASN C 222 -38.62 5.02 1.49
C ASN C 222 -37.97 4.50 2.75
N VAL C 223 -38.76 4.37 3.81
CA VAL C 223 -38.28 3.90 5.10
C VAL C 223 -39.09 2.68 5.55
N TYR C 224 -38.38 1.64 5.96
CA TYR C 224 -38.95 0.41 6.48
C TYR C 224 -38.50 0.23 7.91
N SER C 225 -39.30 -0.44 8.71
CA SER C 225 -38.94 -0.66 10.10
C SER C 225 -39.16 -2.07 10.55
N ALA C 226 -38.32 -2.49 11.49
CA ALA C 226 -38.40 -3.80 12.11
C ALA C 226 -38.42 -3.60 13.60
N ASP C 227 -39.55 -3.94 14.22
CA ASP C 227 -39.72 -3.82 15.64
C ASP C 227 -39.45 -5.17 16.30
N PHE C 228 -38.44 -5.20 17.16
CA PHE C 228 -38.05 -6.44 17.84
C PHE C 228 -38.22 -6.32 19.36
N SER C 229 -39.22 -5.55 19.78
CA SER C 229 -39.58 -5.50 21.20
C SER C 229 -40.03 -6.90 21.68
N GLY C 230 -40.64 -7.68 20.80
CA GLY C 230 -41.01 -9.07 21.11
C GLY C 230 -40.08 -10.06 20.48
N ASP C 231 -40.34 -11.35 20.71
CA ASP C 231 -39.51 -12.42 20.14
C ASP C 231 -39.68 -12.53 18.62
N GLU C 232 -40.88 -12.26 18.12
CA GLU C 232 -41.15 -12.23 16.69
C GLU C 232 -41.05 -10.78 16.23
N VAL C 233 -40.25 -10.56 15.20
CA VAL C 233 -40.03 -9.24 14.64
C VAL C 233 -41.25 -8.85 13.83
N LYS C 234 -41.73 -7.64 14.09
CA LYS C 234 -42.85 -7.07 13.33
C LYS C 234 -42.32 -6.03 12.35
N VAL C 235 -42.71 -6.15 11.09
CA VAL C 235 -42.15 -5.29 10.04
C VAL C 235 -43.21 -4.35 9.48
N ASP C 236 -42.79 -3.17 9.05
CA ASP C 236 -43.70 -2.19 8.48
C ASP C 236 -42.99 -1.27 7.49
N GLY C 237 -43.78 -0.49 6.78
CA GLY C 237 -43.25 0.37 5.73
C GLY C 237 -43.82 -0.01 4.39
N PRO C 238 -43.70 0.88 3.42
CA PRO C 238 -42.87 2.09 3.48
C PRO C 238 -43.59 3.37 3.94
N TRP C 239 -42.83 4.29 4.53
CA TRP C 239 -43.14 5.72 4.48
C TRP C 239 -42.04 6.45 3.73
N SER C 240 -42.35 7.58 3.13
CA SER C 240 -41.40 8.29 2.31
C SER C 240 -40.63 9.34 3.08
N LEU C 241 -39.32 9.40 2.83
CA LEU C 241 -38.49 10.51 3.28
C LEU C 241 -38.83 11.80 2.59
N LEU C 242 -39.55 11.70 1.46
CA LEU C 242 -39.69 12.79 0.50
C LEU C 242 -41.04 13.49 0.59
N ASN C 243 -41.04 14.82 0.48
CA ASN C 243 -42.29 15.52 0.20
C ASN C 243 -42.39 15.77 -1.31
N ASP C 244 -43.42 16.47 -1.78
CA ASP C 244 -43.58 16.69 -3.22
C ASP C 244 -42.46 17.49 -3.87
N GLU C 245 -41.98 18.52 -3.19
CA GLU C 245 -40.84 19.31 -3.66
C GLU C 245 -39.59 18.44 -3.82
N ASP C 246 -39.34 17.60 -2.81
CA ASP C 246 -38.18 16.69 -2.83
C ASP C 246 -38.25 15.75 -4.04
N LYS C 247 -39.46 15.24 -4.31
CA LYS C 247 -39.66 14.31 -5.43
C LYS C 247 -39.44 14.98 -6.78
N ALA C 248 -39.86 16.23 -6.91
CA ALA C 248 -39.64 16.97 -8.15
C ALA C 248 -38.16 17.11 -8.53
N LYS C 249 -37.28 17.19 -7.53
CA LYS C 249 -35.84 17.29 -7.77
C LYS C 249 -35.12 15.93 -7.64
N ASN C 250 -35.90 14.87 -7.50
CA ASN C 250 -35.42 13.48 -7.53
C ASN C 250 -34.41 13.15 -6.40
N TRP C 251 -34.68 13.70 -5.23
CA TRP C 251 -33.84 13.40 -4.06
C TRP C 251 -33.97 11.94 -3.67
N VAL C 252 -32.82 11.31 -3.40
CA VAL C 252 -32.78 9.92 -2.95
C VAL C 252 -31.58 9.79 -2.00
N PRO C 253 -31.56 8.71 -1.21
CA PRO C 253 -30.40 8.42 -0.36
C PRO C 253 -29.21 7.95 -1.18
N GLY C 254 -28.02 8.16 -0.66
CA GLY C 254 -26.87 7.50 -1.20
C GLY C 254 -25.73 7.44 -0.22
N GLY C 255 -24.95 6.40 -0.31
CA GLY C 255 -23.71 6.26 0.48
C GLY C 255 -23.54 4.81 0.87
N TYR C 256 -22.77 4.56 1.93
CA TYR C 256 -22.39 3.24 2.39
C TYR C 256 -22.98 3.00 3.78
N ASN C 257 -22.26 3.41 4.84
CA ASN C 257 -22.83 3.38 6.18
C ASN C 257 -23.60 4.70 6.30
N LEU C 258 -24.74 4.77 5.62
CA LEU C 258 -25.36 6.03 5.26
C LEU C 258 -26.42 6.61 6.20
N VAL C 259 -26.77 5.87 7.25
CA VAL C 259 -27.80 6.31 8.20
C VAL C 259 -27.31 6.17 9.65
N GLY C 260 -28.05 6.83 10.52
CA GLY C 260 -27.79 6.75 11.95
C GLY C 260 -29.02 7.17 12.70
N LEU C 261 -29.10 6.77 13.96
CA LEU C 261 -30.22 7.12 14.79
C LEU C 261 -29.73 7.69 16.10
N HIS C 262 -30.31 8.82 16.51
CA HIS C 262 -30.11 9.37 17.86
C HIS C 262 -31.26 8.81 18.71
N ARG C 263 -30.93 7.86 19.60
CA ARG C 263 -31.95 7.10 20.28
C ARG C 263 -32.80 7.93 21.25
N ALA C 264 -32.22 8.92 21.93
CA ALA C 264 -33.00 9.68 22.90
C ALA C 264 -34.14 10.49 22.25
N SER C 265 -33.92 10.95 21.01
CA SER C 265 -34.88 11.82 20.31
C SER C 265 -35.68 11.08 19.25
N GLY C 266 -35.17 9.96 18.77
CA GLY C 266 -35.73 9.29 17.59
C GLY C 266 -35.32 9.92 16.26
N ARG C 267 -34.38 10.83 16.25
CA ARG C 267 -33.97 11.46 15.00
C ARG C 267 -33.12 10.48 14.20
N MET C 268 -33.46 10.33 12.93
CA MET C 268 -32.68 9.54 11.98
C MET C 268 -31.97 10.45 10.98
N TYR C 269 -30.70 10.17 10.76
CA TYR C 269 -29.83 10.96 9.92
C TYR C 269 -29.61 10.15 8.65
N VAL C 270 -29.68 10.78 7.49
CA VAL C 270 -29.58 10.09 6.19
C VAL C 270 -28.85 10.97 5.17
N PHE C 271 -27.87 10.40 4.48
CA PHE C 271 -27.21 11.08 3.38
C PHE C 271 -28.08 11.05 2.13
N MET C 272 -28.28 12.24 1.54
CA MET C 272 -29.19 12.38 0.39
C MET C 272 -28.51 13.17 -0.73
N HIS C 273 -28.96 12.93 -1.97
CA HIS C 273 -28.49 13.72 -3.09
C HIS C 273 -29.64 13.91 -4.08
N PRO C 274 -29.62 15.01 -4.83
CA PRO C 274 -30.64 15.26 -5.82
C PRO C 274 -30.33 14.51 -7.10
N ASP C 275 -31.29 14.55 -8.03
CA ASP C 275 -31.08 13.99 -9.36
C ASP C 275 -30.80 12.48 -9.32
N GLY C 276 -31.51 11.81 -8.41
CA GLY C 276 -31.40 10.38 -8.25
C GLY C 276 -31.92 9.67 -9.46
N LYS C 277 -31.24 8.59 -9.82
CA LYS C 277 -31.71 7.70 -10.86
C LYS C 277 -30.98 6.39 -10.65
N GLU C 278 -31.26 5.41 -11.49
CA GLU C 278 -30.58 4.14 -11.39
C GLU C 278 -29.07 4.32 -11.46
N GLY C 279 -28.37 3.75 -10.48
CA GLY C 279 -26.92 3.83 -10.41
C GLY C 279 -26.34 4.89 -9.50
N THR C 280 -27.18 5.66 -8.81
CA THR C 280 -26.67 6.74 -7.93
C THR C 280 -26.72 6.41 -6.44
N HIS C 281 -26.95 5.17 -6.08
CA HIS C 281 -27.15 4.80 -4.69
C HIS C 281 -25.89 4.89 -3.84
N LYS C 282 -24.71 5.00 -4.44
CA LYS C 282 -23.47 5.18 -3.66
C LYS C 282 -22.88 6.58 -3.83
N PHE C 283 -23.67 7.53 -4.33
CA PHE C 283 -23.18 8.89 -4.53
C PHE C 283 -22.93 9.58 -3.19
N PRO C 284 -21.91 10.44 -3.13
CA PRO C 284 -21.67 11.25 -1.94
C PRO C 284 -22.82 12.16 -1.59
N ALA C 285 -22.96 12.46 -0.31
CA ALA C 285 -24.06 13.27 0.16
C ALA C 285 -23.96 14.72 -0.31
N ALA C 286 -25.03 15.22 -0.92
CA ALA C 286 -25.22 16.66 -1.06
C ALA C 286 -25.70 17.28 0.27
N GLU C 287 -26.53 16.53 0.98
CA GLU C 287 -27.08 16.96 2.26
C GLU C 287 -27.20 15.80 3.22
N ILE C 288 -27.24 16.15 4.50
CA ILE C 288 -27.69 15.25 5.52
C ILE C 288 -29.10 15.69 5.89
N TRP C 289 -30.05 14.78 5.82
CA TRP C 289 -31.40 15.07 6.31
C TRP C 289 -31.60 14.48 7.68
N VAL C 290 -32.33 15.21 8.50
CA VAL C 290 -32.64 14.81 9.84
C VAL C 290 -34.13 14.57 9.91
N MET C 291 -34.51 13.33 10.18
CA MET C 291 -35.89 12.89 10.14
C MET C 291 -36.39 12.59 11.54
N ASP C 292 -37.61 12.99 11.85
CA ASP C 292 -38.28 12.58 13.08
C ASP C 292 -38.98 11.28 12.78
N THR C 293 -38.48 10.18 13.35
CA THR C 293 -39.06 8.88 13.02
C THR C 293 -40.44 8.64 13.64
N LYS C 294 -40.81 9.43 14.65
CA LYS C 294 -42.15 9.34 15.24
C LYS C 294 -43.18 10.01 14.34
N THR C 295 -42.93 11.24 13.91
CA THR C 295 -43.87 11.95 13.03
C THR C 295 -43.70 11.60 11.55
N LYS C 296 -42.59 10.94 11.20
CA LYS C 296 -42.31 10.53 9.82
C LYS C 296 -42.20 11.72 8.88
N GLN C 297 -41.55 12.77 9.38
CA GLN C 297 -41.34 14.03 8.68
C GLN C 297 -39.91 14.50 8.86
N ARG C 298 -39.37 15.21 7.87
CA ARG C 298 -38.08 15.81 8.00
C ARG C 298 -38.16 17.03 8.94
N VAL C 299 -37.14 17.22 9.75
CA VAL C 299 -37.06 18.39 10.63
C VAL C 299 -35.95 19.35 10.25
N ALA C 300 -34.87 18.87 9.65
CA ALA C 300 -33.77 19.71 9.23
C ALA C 300 -32.98 19.11 8.09
N ARG C 301 -32.22 19.95 7.41
CA ARG C 301 -31.30 19.53 6.35
C ARG C 301 -30.08 20.43 6.40
N ILE C 302 -28.89 19.85 6.22
CA ILE C 302 -27.64 20.57 6.24
C ILE C 302 -26.72 20.09 5.13
N PRO C 303 -25.71 20.86 4.77
CA PRO C 303 -24.79 20.41 3.73
C PRO C 303 -24.12 19.08 4.08
N GLY C 304 -23.91 18.25 3.06
CA GLY C 304 -23.41 16.91 3.27
C GLY C 304 -21.91 16.77 3.25
N ARG C 305 -21.21 17.74 2.68
CA ARG C 305 -19.73 17.71 2.62
C ARG C 305 -19.21 16.46 1.94
N ASP C 306 -19.97 15.98 0.95
CA ASP C 306 -19.57 14.82 0.16
C ASP C 306 -19.34 13.56 0.99
N ALA C 307 -19.99 13.49 2.14
CA ALA C 307 -19.85 12.32 2.99
C ALA C 307 -20.49 11.06 2.38
N LEU C 308 -19.93 9.93 2.77
CA LEU C 308 -20.35 8.60 2.34
C LEU C 308 -20.80 7.70 3.49
N SER C 309 -20.18 7.84 4.66
CA SER C 309 -20.46 7.02 5.81
C SER C 309 -20.50 7.89 7.07
N MET C 310 -21.22 7.41 8.07
CA MET C 310 -21.39 8.11 9.34
C MET C 310 -21.38 7.10 10.49
N THR C 311 -21.33 7.63 11.70
CA THR C 311 -21.61 6.88 12.91
C THR C 311 -22.05 7.88 13.99
N ILE C 312 -22.79 7.38 14.97
CA ILE C 312 -23.36 8.18 16.04
C ILE C 312 -22.82 7.73 17.41
N ASP C 313 -22.51 8.69 18.27
CA ASP C 313 -22.27 8.41 19.69
C ASP C 313 -23.47 8.95 20.46
N GLN C 314 -24.18 8.06 21.14
CA GLN C 314 -25.38 8.45 21.84
C GLN C 314 -25.07 9.36 23.03
N GLN C 315 -24.12 8.94 23.85
CA GLN C 315 -23.96 9.60 25.15
C GLN C 315 -23.34 10.98 25.13
N ARG C 316 -22.54 11.28 24.12
CA ARG C 316 -22.04 12.61 23.93
C ARG C 316 -22.79 13.36 22.85
N ASN C 317 -23.82 12.74 22.25
CA ASN C 317 -24.64 13.41 21.22
C ASN C 317 -23.80 13.92 20.07
N LEU C 318 -23.04 12.98 19.48
CA LEU C 318 -22.13 13.29 18.36
C LEU C 318 -22.46 12.45 17.14
N MET C 319 -22.19 13.04 15.98
CA MET C 319 -22.22 12.31 14.70
C MET C 319 -20.91 12.55 14.02
N LEU C 320 -20.28 11.49 13.50
CA LEU C 320 -19.13 11.63 12.62
C LEU C 320 -19.56 11.36 11.22
N THR C 321 -19.01 12.10 10.28
CA THR C 321 -19.21 11.75 8.87
C THR C 321 -17.84 11.63 8.19
N LEU C 322 -17.80 10.89 7.09
CA LEU C 322 -16.56 10.50 6.47
C LEU C 322 -16.77 10.51 4.96
N ASP C 323 -15.88 11.21 4.27
CA ASP C 323 -15.95 11.33 2.79
C ASP C 323 -14.97 10.43 2.06
N GLY C 324 -14.32 9.51 2.78
CA GLY C 324 -13.29 8.64 2.25
C GLY C 324 -11.92 8.94 2.83
N GLY C 325 -11.68 10.22 3.08
CA GLY C 325 -10.39 10.71 3.55
C GLY C 325 -10.44 11.57 4.79
N ASN C 326 -11.52 12.33 4.95
CA ASN C 326 -11.67 13.32 6.01
C ASN C 326 -12.85 12.98 6.90
N VAL C 327 -12.71 13.21 8.20
CA VAL C 327 -13.75 12.97 9.19
C VAL C 327 -14.28 14.29 9.75
N ASN C 328 -15.57 14.48 9.63
CA ASN C 328 -16.26 15.63 10.18
C ASN C 328 -16.92 15.26 11.49
N VAL C 329 -16.79 16.13 12.49
CA VAL C 329 -17.37 15.92 13.79
C VAL C 329 -18.50 16.88 14.02
N TYR C 330 -19.69 16.36 14.32
CA TYR C 330 -20.88 17.16 14.53
C TYR C 330 -21.46 16.95 15.92
N ASP C 331 -21.92 18.04 16.52
CA ASP C 331 -22.74 18.00 17.70
C ASP C 331 -24.21 17.84 17.28
N ILE C 332 -24.89 16.79 17.76
CA ILE C 332 -26.29 16.53 17.43
C ILE C 332 -27.19 16.55 18.66
N SER C 333 -26.76 17.30 19.69
CA SER C 333 -27.59 17.46 20.88
C SER C 333 -28.91 18.22 20.64
N GLN C 334 -28.95 18.97 19.56
CA GLN C 334 -30.17 19.68 19.13
C GLN C 334 -30.50 19.21 17.70
N PRO C 335 -31.73 19.44 17.23
CA PRO C 335 -32.14 18.90 15.94
C PRO C 335 -31.27 19.29 14.76
N GLU C 336 -30.75 20.52 14.70
CA GLU C 336 -29.81 20.87 13.65
C GLU C 336 -28.39 20.48 14.05
N PRO C 337 -27.71 19.61 13.30
CA PRO C 337 -26.32 19.29 13.64
C PRO C 337 -25.43 20.51 13.49
N LYS C 338 -24.43 20.64 14.37
CA LYS C 338 -23.42 21.70 14.30
C LYS C 338 -22.04 21.12 14.06
N LEU C 339 -21.36 21.57 13.01
CA LEU C 339 -20.04 21.13 12.69
C LEU C 339 -19.03 21.69 13.67
N LEU C 340 -18.28 20.83 14.34
CA LEU C 340 -17.28 21.27 15.33
C LEU C 340 -15.90 21.34 14.73
N ARG C 341 -15.56 20.37 13.88
CA ARG C 341 -14.24 20.32 13.23
C ARG C 341 -14.15 19.25 12.17
N THR C 342 -13.11 19.35 11.36
CA THR C 342 -12.83 18.36 10.35
C THR C 342 -11.40 17.87 10.56
N ILE C 343 -11.21 16.56 10.51
CA ILE C 343 -9.92 15.92 10.63
C ILE C 343 -9.52 15.55 9.23
N GLU C 344 -8.57 16.28 8.64
CA GLU C 344 -8.18 16.06 7.25
C GLU C 344 -7.17 14.94 7.19
N GLY C 345 -7.25 14.11 6.15
CA GLY C 345 -6.22 13.10 5.92
C GLY C 345 -6.21 11.98 6.97
N ALA C 346 -7.38 11.68 7.49
CA ALA C 346 -7.55 10.59 8.46
C ALA C 346 -7.36 9.22 7.83
N ALA C 347 -7.56 9.11 6.52
CA ALA C 347 -7.39 7.86 5.78
C ALA C 347 -7.19 8.19 4.31
N GLU C 348 -6.69 7.22 3.57
CA GLU C 348 -6.67 7.33 2.11
C GLU C 348 -7.93 6.79 1.46
N ALA C 349 -8.50 5.71 2.03
CA ALA C 349 -9.68 5.09 1.44
C ALA C 349 -10.48 4.39 2.51
N SER C 350 -11.19 5.17 3.30
CA SER C 350 -12.02 4.62 4.36
C SER C 350 -13.49 4.81 4.04
N LEU C 351 -14.30 3.80 4.36
CA LEU C 351 -15.76 3.92 4.30
C LEU C 351 -16.39 3.62 5.66
N GLN C 352 -15.58 3.64 6.73
CA GLN C 352 -16.10 3.32 8.05
C GLN C 352 -15.31 4.01 9.16
N VAL C 353 -16.04 4.70 10.02
CA VAL C 353 -15.49 5.25 11.25
C VAL C 353 -16.38 4.82 12.42
N GLN C 354 -15.77 4.63 13.58
CA GLN C 354 -16.46 4.17 14.78
C GLN C 354 -15.90 4.87 16.04
N PHE C 355 -16.77 5.18 16.99
CA PHE C 355 -16.29 5.65 18.29
C PHE C 355 -15.84 4.51 19.19
N HIS C 356 -14.90 4.81 20.08
CA HIS C 356 -14.64 3.92 21.19
C HIS C 356 -15.89 3.82 22.03
N PRO C 357 -16.36 2.63 22.37
CA PRO C 357 -17.52 2.48 23.24
C PRO C 357 -17.30 3.04 24.63
N VAL C 358 -18.29 3.74 25.16
CA VAL C 358 -18.24 4.21 26.55
C VAL C 358 -19.38 3.66 27.41
N GLY C 359 -20.43 3.13 26.79
CA GLY C 359 -21.58 2.56 27.52
C GLY C 359 -21.28 1.39 28.47
N GLY C 360 -20.53 0.41 27.98
CA GLY C 360 -20.22 -0.80 28.76
C GLY C 360 -21.18 -1.93 28.43
N GLU D 2 -18.10 -14.21 -25.03
CA GLU D 2 -16.66 -13.97 -24.70
C GLU D 2 -16.29 -14.84 -23.52
N VAL D 3 -15.00 -15.13 -23.39
CA VAL D 3 -14.51 -15.91 -22.26
C VAL D 3 -13.22 -15.27 -21.76
N LEU D 4 -13.17 -15.00 -20.46
CA LEU D 4 -11.99 -14.48 -19.80
C LEU D 4 -10.97 -15.60 -19.64
N THR D 5 -9.73 -15.31 -20.03
CA THR D 5 -8.63 -16.25 -19.92
C THR D 5 -7.42 -15.59 -19.27
N GLY D 6 -6.62 -16.41 -18.62
CA GLY D 6 -5.29 -16.02 -18.16
C GLY D 6 -4.24 -16.81 -18.91
N GLY D 7 -3.04 -16.84 -18.37
CA GLY D 7 -1.94 -17.58 -19.00
C GLY D 7 -1.21 -16.81 -20.07
N HIS D 8 -1.51 -15.53 -20.23
CA HIS D 8 -0.97 -14.74 -21.32
C HIS D 8 0.41 -14.18 -21.01
N SER D 9 1.18 -13.96 -22.08
CA SER D 9 2.47 -13.35 -22.00
C SER D 9 2.33 -11.87 -22.14
N VAL D 10 3.37 -11.17 -21.70
CA VAL D 10 3.49 -9.72 -21.88
C VAL D 10 3.33 -9.35 -23.35
N SER D 11 2.58 -8.28 -23.62
CA SER D 11 2.09 -8.02 -24.98
C SER D 11 3.15 -7.41 -25.89
N ALA D 12 4.12 -6.71 -25.33
CA ALA D 12 5.19 -6.06 -26.09
C ALA D 12 6.44 -6.88 -25.99
N PRO D 13 7.31 -6.85 -27.00
CA PRO D 13 8.50 -7.71 -26.95
C PRO D 13 9.49 -7.24 -25.90
N GLN D 14 10.40 -8.13 -25.51
CA GLN D 14 11.35 -7.82 -24.44
C GLN D 14 12.11 -6.56 -24.65
N GLU D 15 12.55 -6.29 -25.88
CA GLU D 15 13.35 -5.12 -26.18
C GLU D 15 12.64 -3.78 -25.97
N ASN D 16 11.33 -3.83 -25.73
CA ASN D 16 10.55 -2.63 -25.44
C ASN D 16 10.40 -2.37 -23.93
N ARG D 17 10.84 -3.31 -23.11
CA ARG D 17 10.45 -3.30 -21.70
C ARG D 17 11.43 -2.65 -20.77
N ILE D 18 10.87 -1.99 -19.75
CA ILE D 18 11.62 -1.45 -18.61
C ILE D 18 10.90 -1.84 -17.35
N TYR D 19 11.67 -1.79 -16.26
CA TYR D 19 11.23 -2.21 -14.92
C TYR D 19 11.42 -1.06 -13.97
N VAL D 20 10.31 -0.58 -13.42
CA VAL D 20 10.29 0.50 -12.45
C VAL D 20 10.02 -0.13 -11.08
N MET D 21 11.02 -0.05 -10.20
CA MET D 21 10.92 -0.68 -8.89
C MET D 21 10.21 0.29 -7.97
N ASP D 22 8.93 0.01 -7.68
CA ASP D 22 8.13 0.91 -6.87
C ASP D 22 8.23 0.45 -5.42
N SER D 23 8.97 1.18 -4.60
CA SER D 23 9.04 0.85 -3.17
C SER D 23 7.69 1.02 -2.49
N VAL D 24 6.86 1.93 -2.99
CA VAL D 24 5.60 2.25 -2.32
C VAL D 24 5.92 2.48 -0.82
N PHE D 25 6.81 3.43 -0.55
CA PHE D 25 7.26 3.68 0.83
C PHE D 25 6.12 3.94 1.78
N MET D 26 5.04 4.59 1.35
CA MET D 26 3.91 4.83 2.22
C MET D 26 3.23 3.53 2.69
N HIS D 27 3.40 2.48 1.89
CA HIS D 27 2.84 1.14 2.16
C HIS D 27 3.87 0.11 1.74
N LEU D 28 5.01 0.15 2.42
CA LEU D 28 6.20 -0.54 1.98
C LEU D 28 6.09 -2.06 1.95
N THR D 29 5.10 -2.63 2.65
CA THR D 29 4.82 -4.06 2.54
C THR D 29 4.19 -4.48 1.23
N GLU D 30 3.82 -3.52 0.35
CA GLU D 30 3.22 -3.86 -0.94
C GLU D 30 4.04 -3.22 -2.07
N SER D 31 5.35 -3.24 -1.92
CA SER D 31 6.22 -2.82 -2.99
C SER D 31 5.98 -3.73 -4.21
N ARG D 32 6.35 -3.26 -5.39
CA ARG D 32 6.18 -4.06 -6.60
C ARG D 32 7.03 -3.48 -7.71
N VAL D 33 7.22 -4.31 -8.72
CA VAL D 33 7.87 -3.90 -9.98
C VAL D 33 6.79 -3.61 -11.00
N HIS D 34 6.84 -2.41 -11.58
CA HIS D 34 5.96 -2.08 -12.69
C HIS D 34 6.72 -2.25 -14.01
N VAL D 35 6.13 -3.01 -14.93
CA VAL D 35 6.71 -3.25 -16.26
C VAL D 35 6.05 -2.33 -17.28
N TYR D 36 6.88 -1.55 -17.97
CA TYR D 36 6.40 -0.57 -18.96
C TYR D 36 7.07 -0.78 -20.32
N ASP D 37 6.38 -0.31 -21.37
CA ASP D 37 6.95 -0.22 -22.70
C ASP D 37 7.53 1.17 -22.83
N TYR D 38 8.84 1.32 -22.99
CA TYR D 38 9.44 2.64 -23.06
C TYR D 38 9.16 3.38 -24.36
N THR D 39 8.72 2.63 -25.37
CA THR D 39 8.48 3.20 -26.73
C THR D 39 7.16 3.95 -26.83
N ASN D 40 6.21 3.63 -25.96
CA ASN D 40 4.90 4.29 -25.97
C ASN D 40 4.28 4.58 -24.60
N GLY D 41 4.98 4.24 -23.51
CA GLY D 41 4.48 4.51 -22.17
C GLY D 41 3.45 3.52 -21.65
N LYS D 42 3.16 2.45 -22.39
CA LYS D 42 2.09 1.52 -21.99
C LYS D 42 2.51 0.68 -20.77
N PHE D 43 1.58 0.52 -19.83
CA PHE D 43 1.75 -0.37 -18.71
C PHE D 43 1.51 -1.81 -19.16
N LEU D 44 2.47 -2.68 -18.90
CA LEU D 44 2.47 -4.04 -19.40
C LEU D 44 2.19 -5.11 -18.35
N GLY D 45 2.43 -4.78 -17.09
CA GLY D 45 2.21 -5.75 -16.03
C GLY D 45 3.04 -5.41 -14.82
N MET D 46 3.08 -6.35 -13.87
CA MET D 46 3.76 -6.07 -12.59
C MET D 46 4.11 -7.36 -11.88
N VAL D 47 5.09 -7.24 -10.97
CA VAL D 47 5.51 -8.32 -10.12
C VAL D 47 5.43 -7.85 -8.66
N PRO D 48 4.63 -8.50 -7.82
CA PRO D 48 4.54 -8.11 -6.40
C PRO D 48 5.81 -8.50 -5.65
N THR D 49 6.28 -7.62 -4.79
CA THR D 49 7.53 -7.86 -4.05
C THR D 49 7.45 -7.56 -2.57
N ALA D 50 6.27 -7.69 -1.96
CA ALA D 50 6.18 -7.68 -0.50
C ALA D 50 6.92 -6.50 0.13
N PHE D 51 7.65 -6.72 1.22
CA PHE D 51 8.26 -5.62 1.95
C PHE D 51 9.58 -5.21 1.32
N ASN D 52 9.68 -3.97 0.85
CA ASN D 52 10.92 -3.40 0.36
C ASN D 52 11.61 -4.32 -0.63
N GLY D 53 10.94 -4.69 -1.72
CA GLY D 53 11.56 -5.51 -2.74
C GLY D 53 12.70 -4.85 -3.48
N HIS D 54 13.63 -5.69 -3.93
CA HIS D 54 14.67 -5.30 -4.87
C HIS D 54 14.49 -6.17 -6.11
N VAL D 55 15.01 -5.72 -7.25
CA VAL D 55 14.80 -6.40 -8.51
C VAL D 55 15.99 -6.28 -9.46
N GLN D 56 16.20 -7.34 -10.24
CA GLN D 56 17.09 -7.30 -11.40
C GLN D 56 16.58 -8.32 -12.41
N VAL D 57 17.06 -8.17 -13.64
CA VAL D 57 16.73 -9.08 -14.71
C VAL D 57 17.94 -9.97 -14.95
N SER D 58 17.69 -11.25 -15.18
CA SER D 58 18.81 -12.15 -15.48
C SER D 58 19.55 -11.64 -16.71
N ASN D 59 20.88 -11.81 -16.71
CA ASN D 59 21.69 -11.33 -17.81
C ASN D 59 21.23 -11.85 -19.15
N ASP D 60 20.75 -13.10 -19.17
CA ASP D 60 20.22 -13.74 -20.39
C ASP D 60 18.80 -13.33 -20.78
N GLY D 61 18.20 -12.46 -19.98
CA GLY D 61 16.88 -11.90 -20.31
C GLY D 61 15.67 -12.79 -20.15
N LYS D 62 15.79 -14.01 -19.61
CA LYS D 62 14.67 -14.92 -19.52
C LYS D 62 13.86 -14.79 -18.20
N LYS D 63 14.53 -14.38 -17.13
CA LYS D 63 13.93 -14.35 -15.78
C LYS D 63 14.09 -13.01 -15.11
N ILE D 64 13.15 -12.74 -14.21
CA ILE D 64 13.25 -11.60 -13.29
C ILE D 64 13.60 -12.17 -11.91
N TYR D 65 14.62 -11.59 -11.28
CA TYR D 65 14.98 -11.92 -9.91
C TYR D 65 14.49 -10.81 -8.99
N THR D 66 13.76 -11.23 -7.96
CA THR D 66 13.42 -10.29 -6.89
C THR D 66 14.05 -10.74 -5.57
N MET D 67 14.19 -9.80 -4.65
CA MET D 67 14.66 -10.11 -3.29
C MET D 67 13.70 -9.42 -2.36
N THR D 68 13.19 -10.13 -1.36
CA THR D 68 12.25 -9.52 -0.44
C THR D 68 12.25 -10.21 0.93
N THR D 69 11.40 -9.71 1.81
CA THR D 69 11.20 -10.23 3.15
C THR D 69 9.72 -10.45 3.36
N TYR D 70 9.42 -11.64 3.88
CA TYR D 70 8.10 -12.01 4.37
C TYR D 70 8.16 -12.30 5.87
N HIS D 71 7.02 -12.16 6.54
CA HIS D 71 6.84 -12.73 7.89
C HIS D 71 5.51 -13.50 7.90
N GLU D 72 5.40 -14.50 8.79
CA GLU D 72 4.23 -15.35 8.76
C GLU D 72 2.91 -14.56 8.90
N ARG D 73 2.95 -13.47 9.67
CA ARG D 73 1.82 -12.60 9.86
C ARG D 73 2.17 -11.12 9.60
N ILE D 74 3.13 -10.89 8.68
CA ILE D 74 3.57 -9.58 8.19
C ILE D 74 4.35 -8.77 9.24
N THR D 75 3.64 -8.31 10.27
CA THR D 75 4.20 -7.52 11.37
C THR D 75 4.52 -8.36 12.61
N ARG D 76 4.30 -9.67 12.53
CA ARG D 76 4.74 -10.61 13.55
C ARG D 76 4.98 -11.97 12.88
N GLY D 77 5.60 -12.88 13.60
CA GLY D 77 5.87 -14.23 13.13
C GLY D 77 7.23 -14.34 12.47
N LYS D 78 7.54 -15.55 12.05
CA LYS D 78 8.86 -15.88 11.56
C LYS D 78 9.17 -15.13 10.26
N ARG D 79 10.40 -14.66 10.17
CA ARG D 79 10.94 -13.98 9.00
C ARG D 79 11.46 -14.94 7.96
N SER D 80 11.14 -14.65 6.70
CA SER D 80 11.76 -15.36 5.58
C SER D 80 12.30 -14.35 4.56
N ASP D 81 13.61 -14.23 4.44
CA ASP D 81 14.24 -13.45 3.38
C ASP D 81 14.46 -14.37 2.21
N VAL D 82 14.15 -13.91 0.99
CA VAL D 82 14.21 -14.77 -0.18
C VAL D 82 14.69 -14.04 -1.41
N VAL D 83 15.21 -14.83 -2.35
CA VAL D 83 15.24 -14.42 -3.76
C VAL D 83 14.15 -15.21 -4.43
N GLU D 84 13.36 -14.54 -5.28
CA GLU D 84 12.42 -15.24 -6.14
C GLU D 84 12.81 -15.15 -7.62
N VAL D 85 12.62 -16.26 -8.32
CA VAL D 85 12.80 -16.32 -9.75
C VAL D 85 11.42 -16.31 -10.40
N TRP D 86 11.21 -15.33 -11.28
CA TRP D 86 9.98 -15.15 -12.02
C TRP D 86 10.25 -15.26 -13.53
N ASP D 87 9.30 -15.82 -14.25
CA ASP D 87 9.42 -15.86 -15.70
C ASP D 87 9.17 -14.46 -16.26
N ALA D 88 10.07 -13.99 -17.12
CA ALA D 88 9.96 -12.63 -17.61
C ALA D 88 8.78 -12.43 -18.55
N ASP D 89 8.45 -13.41 -19.37
CA ASP D 89 7.38 -13.22 -20.34
C ASP D 89 5.99 -13.48 -19.75
N LYS D 90 5.85 -14.42 -18.82
CA LYS D 90 4.56 -14.71 -18.21
C LYS D 90 4.32 -13.93 -16.92
N LEU D 91 5.38 -13.33 -16.38
CA LEU D 91 5.32 -12.61 -15.09
C LEU D 91 4.67 -13.46 -13.99
N THR D 92 5.15 -14.71 -13.92
CA THR D 92 4.73 -15.71 -12.94
C THR D 92 5.90 -16.15 -12.07
N PHE D 93 5.57 -16.50 -10.83
CA PHE D 93 6.50 -17.02 -9.89
C PHE D 93 6.91 -18.44 -10.24
N GLU D 94 8.22 -18.71 -10.19
CA GLU D 94 8.75 -20.04 -10.43
C GLU D 94 9.45 -20.69 -9.23
N LYS D 95 10.31 -19.98 -8.54
CA LYS D 95 11.15 -20.61 -7.52
C LYS D 95 11.48 -19.60 -6.43
N GLU D 96 11.51 -20.07 -5.20
CA GLU D 96 11.97 -19.34 -4.05
C GLU D 96 13.31 -19.91 -3.59
N ILE D 97 14.27 -19.02 -3.35
CA ILE D 97 15.60 -19.40 -2.84
C ILE D 97 15.72 -18.75 -1.46
N SER D 98 15.95 -19.58 -0.47
CA SER D 98 16.05 -19.13 0.90
C SER D 98 17.36 -18.41 1.20
N LEU D 99 17.26 -17.26 1.87
CA LEU D 99 18.40 -16.50 2.33
C LEU D 99 18.45 -16.50 3.85
N PRO D 100 19.61 -16.24 4.44
CA PRO D 100 19.64 -15.98 5.87
C PRO D 100 18.90 -14.66 6.14
N PRO D 101 18.31 -14.50 7.33
CA PRO D 101 17.45 -13.36 7.62
C PRO D 101 18.18 -12.05 7.89
N LYS D 102 18.98 -11.63 6.92
CA LYS D 102 19.78 -10.43 7.02
C LYS D 102 20.01 -9.77 5.65
N ARG D 103 19.16 -10.05 4.66
CA ARG D 103 19.32 -9.34 3.38
C ARG D 103 19.11 -7.86 3.62
N VAL D 104 19.83 -7.01 2.88
CA VAL D 104 19.72 -5.58 3.11
C VAL D 104 18.31 -5.09 2.88
N GLN D 105 17.78 -4.36 3.86
CA GLN D 105 16.52 -3.62 3.76
C GLN D 105 16.90 -2.16 3.64
N GLY D 106 16.57 -1.57 2.50
CA GLY D 106 16.95 -0.20 2.24
C GLY D 106 16.57 0.20 0.84
N LEU D 107 16.89 1.45 0.54
CA LEU D 107 16.53 2.03 -0.75
C LEU D 107 17.23 1.32 -1.89
N ASN D 108 16.63 1.39 -3.09
CA ASN D 108 16.99 0.55 -4.23
C ASN D 108 18.18 1.05 -5.07
N TYR D 109 19.36 1.14 -4.44
CA TYR D 109 20.60 1.28 -5.19
C TYR D 109 20.89 0.01 -5.97
N ASP D 110 21.34 0.14 -7.21
CA ASP D 110 21.65 -1.01 -8.05
C ASP D 110 22.58 -1.99 -7.35
N GLY D 111 23.59 -1.46 -6.65
CA GLY D 111 24.66 -2.29 -6.12
C GLY D 111 24.29 -3.16 -4.95
N LEU D 112 23.05 -3.09 -4.47
CA LEU D 112 22.62 -3.94 -3.38
C LEU D 112 22.17 -5.34 -3.83
N PHE D 113 21.93 -5.52 -5.13
CA PHE D 113 21.35 -6.74 -5.66
C PHE D 113 21.81 -6.85 -7.10
N ARG D 114 22.87 -7.63 -7.33
CA ARG D 114 23.55 -7.72 -8.61
C ARG D 114 23.75 -9.19 -8.98
N GLN D 115 24.48 -9.43 -10.08
CA GLN D 115 24.84 -10.76 -10.50
C GLN D 115 26.24 -10.72 -11.12
N THR D 116 26.90 -11.88 -11.15
CA THR D 116 28.21 -11.95 -11.80
C THR D 116 28.01 -11.73 -13.29
N THR D 117 29.09 -11.40 -13.99
CA THR D 117 29.02 -11.18 -15.42
C THR D 117 28.51 -12.43 -16.15
N ASP D 118 28.89 -13.63 -15.69
CA ASP D 118 28.46 -14.88 -16.32
C ASP D 118 27.04 -15.33 -16.00
N GLY D 119 26.37 -14.55 -15.13
CA GLY D 119 24.99 -14.79 -14.71
C GLY D 119 24.79 -16.00 -13.82
N LYS D 120 25.88 -16.63 -13.37
CA LYS D 120 25.76 -17.87 -12.62
C LYS D 120 25.48 -17.66 -11.12
N PHE D 121 25.83 -16.48 -10.63
CA PHE D 121 25.66 -16.14 -9.22
C PHE D 121 24.94 -14.81 -9.07
N ILE D 122 23.98 -14.79 -8.16
CA ILE D 122 23.40 -13.55 -7.67
C ILE D 122 24.24 -13.11 -6.47
N VAL D 123 24.52 -11.84 -6.42
CA VAL D 123 25.43 -11.27 -5.45
C VAL D 123 24.70 -10.12 -4.80
N LEU D 124 24.46 -10.26 -3.50
CA LEU D 124 23.60 -9.32 -2.76
C LEU D 124 24.25 -8.82 -1.47
N GLN D 125 23.83 -7.65 -0.99
CA GLN D 125 24.32 -7.10 0.25
C GLN D 125 23.50 -7.58 1.44
N ASN D 126 24.20 -8.05 2.49
CA ASN D 126 23.60 -8.40 3.78
C ASN D 126 23.95 -7.32 4.80
N ALA D 127 23.07 -7.16 5.78
CA ALA D 127 23.35 -6.29 6.92
C ALA D 127 22.56 -6.79 8.11
N SER D 128 23.28 -7.09 9.19
CA SER D 128 22.68 -7.73 10.35
C SER D 128 22.66 -6.96 11.68
N PRO D 129 23.33 -5.83 11.89
CA PRO D 129 23.76 -4.84 10.92
C PRO D 129 25.21 -5.03 10.42
N ALA D 130 25.94 -6.01 10.96
CA ALA D 130 27.24 -6.33 10.37
C ALA D 130 27.05 -6.67 8.91
N THR D 131 27.96 -6.18 8.08
CA THR D 131 27.82 -6.33 6.64
C THR D 131 28.62 -7.52 6.14
N SER D 132 28.04 -8.20 5.16
CA SER D 132 28.70 -9.25 4.40
C SER D 132 28.01 -9.31 3.06
N ILE D 133 28.61 -10.00 2.09
CA ILE D 133 27.99 -10.18 0.79
C ILE D 133 27.48 -11.58 0.70
N GLY D 134 26.23 -11.73 0.24
CA GLY D 134 25.64 -13.03 0.07
C GLY D 134 25.72 -13.50 -1.37
N ILE D 135 25.95 -14.79 -1.54
CA ILE D 135 26.09 -15.40 -2.85
C ILE D 135 25.03 -16.46 -3.02
N VAL D 136 24.27 -16.37 -4.11
CA VAL D 136 23.27 -17.33 -4.51
C VAL D 136 23.66 -18.03 -5.81
N ASP D 137 23.63 -19.36 -5.78
CA ASP D 137 23.92 -20.22 -6.94
C ASP D 137 22.62 -20.40 -7.69
N VAL D 138 22.55 -19.74 -8.85
CA VAL D 138 21.33 -19.75 -9.67
C VAL D 138 20.95 -21.16 -10.17
N ALA D 139 21.92 -21.91 -10.65
CA ALA D 139 21.66 -23.27 -11.14
C ALA D 139 21.13 -24.20 -10.04
N LYS D 140 21.72 -24.12 -8.84
CA LYS D 140 21.31 -24.97 -7.72
C LYS D 140 20.05 -24.46 -6.99
N GLY D 141 19.75 -23.17 -7.13
CA GLY D 141 18.66 -22.56 -6.33
C GLY D 141 19.00 -22.51 -4.85
N ASP D 142 20.27 -22.27 -4.55
CA ASP D 142 20.82 -22.36 -3.19
C ASP D 142 21.59 -21.12 -2.82
N TYR D 143 21.56 -20.78 -1.53
CA TYR D 143 22.49 -19.85 -0.95
C TYR D 143 23.81 -20.59 -0.74
N VAL D 144 24.92 -19.98 -1.09
CA VAL D 144 26.24 -20.58 -0.92
C VAL D 144 26.71 -20.26 0.50
N GLU D 145 27.39 -19.13 0.69
CA GLU D 145 27.80 -18.67 2.03
C GLU D 145 28.16 -17.18 2.01
N ASP D 146 28.24 -16.55 3.18
CA ASP D 146 28.60 -15.16 3.31
C ASP D 146 30.03 -14.94 2.90
N VAL D 147 30.28 -13.82 2.23
CA VAL D 147 31.60 -13.33 1.98
C VAL D 147 31.91 -12.42 3.16
N THR D 148 32.49 -13.03 4.18
CA THR D 148 32.80 -12.35 5.43
C THR D 148 33.93 -11.33 5.27
N ALA D 149 34.78 -11.53 4.25
CA ALA D 149 35.87 -10.61 3.98
C ALA D 149 35.37 -9.17 3.74
N ALA D 150 34.10 -9.01 3.34
CA ALA D 150 33.54 -7.70 3.02
C ALA D 150 32.95 -6.93 4.22
N ALA D 151 33.16 -7.44 5.42
CA ALA D 151 32.76 -6.70 6.61
C ALA D 151 33.30 -5.28 6.57
N GLY D 152 32.44 -4.31 6.91
CA GLY D 152 32.80 -2.91 6.89
C GLY D 152 32.84 -2.30 5.49
N CYS D 153 32.38 -3.06 4.50
CA CYS D 153 32.26 -2.57 3.13
C CYS D 153 30.80 -2.49 2.75
N TRP D 154 30.54 -1.93 1.56
CA TRP D 154 29.16 -1.76 1.10
C TRP D 154 29.05 -1.74 -0.40
N SER D 155 28.08 -2.52 -0.89
CA SER D 155 27.60 -2.57 -2.25
C SER D 155 28.48 -3.40 -3.18
N VAL D 156 27.92 -3.79 -4.32
CA VAL D 156 28.50 -4.76 -5.22
C VAL D 156 28.67 -4.11 -6.58
N ILE D 157 29.91 -4.08 -7.08
CA ILE D 157 30.22 -3.58 -8.42
C ILE D 157 30.81 -4.74 -9.21
N PRO D 158 30.03 -5.35 -10.07
CA PRO D 158 30.55 -6.45 -10.88
C PRO D 158 31.66 -5.94 -11.82
N GLN D 159 32.66 -6.80 -12.05
CA GLN D 159 33.68 -6.52 -13.04
C GLN D 159 33.22 -7.14 -14.35
N PRO D 160 32.82 -6.32 -15.32
CA PRO D 160 32.32 -6.86 -16.58
C PRO D 160 33.33 -7.59 -17.48
N ASN D 161 34.62 -7.50 -17.15
CA ASN D 161 35.66 -8.20 -17.90
C ASN D 161 36.04 -9.59 -17.35
N ARG D 162 35.34 -10.05 -16.32
CA ARG D 162 35.61 -11.36 -15.70
C ARG D 162 34.29 -12.04 -15.37
N PRO D 163 34.23 -13.36 -15.43
CA PRO D 163 32.98 -14.10 -15.28
C PRO D 163 32.33 -14.08 -13.88
N ARG D 164 33.15 -14.06 -12.83
CA ARG D 164 32.61 -14.15 -11.47
C ARG D 164 33.43 -13.39 -10.46
N SER D 165 33.68 -12.13 -10.78
CA SER D 165 34.40 -11.23 -9.94
C SER D 165 33.61 -9.96 -9.72
N PHE D 166 33.77 -9.39 -8.55
CA PHE D 166 33.14 -8.12 -8.20
C PHE D 166 33.92 -7.37 -7.16
N MET D 167 33.64 -6.08 -7.02
CA MET D 167 34.26 -5.26 -6.04
C MET D 167 33.23 -4.70 -5.07
N THR D 168 33.71 -4.23 -3.94
CA THR D 168 32.92 -3.50 -2.99
C THR D 168 33.72 -2.34 -2.38
N ILE D 169 33.01 -1.30 -1.93
CA ILE D 169 33.64 -0.11 -1.36
C ILE D 169 33.77 -0.27 0.13
N CYS D 170 34.97 -0.07 0.64
CA CYS D 170 35.24 -0.29 2.06
C CYS D 170 35.46 0.98 2.85
N GLY D 171 35.35 0.85 4.16
CA GLY D 171 35.42 1.98 5.06
C GLY D 171 36.77 2.68 5.13
N ASP D 172 37.79 2.04 4.57
CA ASP D 172 39.13 2.64 4.48
C ASP D 172 39.33 3.49 3.23
N GLY D 173 38.29 3.60 2.39
CA GLY D 173 38.36 4.43 1.20
C GLY D 173 38.94 3.71 0.01
N GLY D 174 39.16 2.41 0.15
CA GLY D 174 39.58 1.56 -0.91
C GLY D 174 38.51 0.58 -1.35
N LEU D 175 38.88 -0.28 -2.29
CA LEU D 175 38.03 -1.31 -2.86
C LEU D 175 38.58 -2.69 -2.57
N LEU D 176 37.67 -3.59 -2.23
CA LEU D 176 37.94 -5.01 -2.02
C LEU D 176 37.41 -5.74 -3.24
N THR D 177 38.25 -6.57 -3.87
CA THR D 177 37.88 -7.35 -5.02
C THR D 177 37.74 -8.80 -4.57
N ILE D 178 36.66 -9.43 -4.99
CA ILE D 178 36.38 -10.81 -4.66
C ILE D 178 36.30 -11.58 -5.95
N ASN D 179 37.02 -12.69 -6.03
CA ASN D 179 36.96 -13.58 -7.17
C ASN D 179 36.37 -14.92 -6.74
N LEU D 180 35.21 -15.31 -7.28
CA LEU D 180 34.54 -16.53 -6.83
C LEU D 180 35.06 -17.71 -7.61
N GLY D 181 35.04 -18.90 -7.01
CA GLY D 181 35.22 -20.13 -7.75
C GLY D 181 33.93 -20.61 -8.37
N GLU D 182 34.00 -21.72 -9.09
CA GLU D 182 32.84 -22.25 -9.78
C GLU D 182 31.70 -22.69 -8.85
N ASP D 183 32.00 -22.85 -7.57
CA ASP D 183 30.99 -23.21 -6.57
C ASP D 183 30.41 -21.99 -5.84
N GLY D 184 30.87 -20.81 -6.19
CA GLY D 184 30.40 -19.59 -5.56
C GLY D 184 31.07 -19.20 -4.26
N LYS D 185 32.08 -19.97 -3.84
CA LYS D 185 32.88 -19.60 -2.67
C LYS D 185 34.01 -18.68 -3.09
N VAL D 186 34.58 -17.92 -2.15
CA VAL D 186 35.69 -17.03 -2.46
C VAL D 186 36.92 -17.88 -2.84
N ALA D 187 37.45 -17.65 -4.05
CA ALA D 187 38.66 -18.36 -4.51
C ALA D 187 39.88 -17.47 -4.26
N SER D 188 39.72 -16.16 -4.42
CA SER D 188 40.75 -15.22 -4.05
C SER D 188 40.19 -13.82 -3.90
N GLN D 189 41.03 -12.93 -3.39
CA GLN D 189 40.63 -11.56 -3.13
C GLN D 189 41.85 -10.63 -3.14
N SER D 190 41.60 -9.33 -3.24
CA SER D 190 42.64 -8.34 -3.12
C SER D 190 42.04 -7.01 -2.70
N ARG D 191 42.88 -6.15 -2.13
CA ARG D 191 42.46 -4.87 -1.59
C ARG D 191 43.31 -3.77 -2.20
N SER D 192 42.67 -2.74 -2.75
CA SER D 192 43.36 -1.65 -3.40
C SER D 192 43.97 -0.72 -2.38
N LYS D 193 44.79 0.22 -2.86
CA LYS D 193 45.20 1.35 -2.04
C LYS D 193 43.99 2.25 -1.79
N GLN D 194 44.10 3.19 -0.87
CA GLN D 194 43.05 4.19 -0.65
C GLN D 194 42.77 4.94 -1.95
N MET D 195 41.49 4.98 -2.34
CA MET D 195 41.06 5.71 -3.53
C MET D 195 40.64 7.13 -3.16
N PHE D 196 39.79 7.24 -2.14
CA PHE D 196 39.26 8.52 -1.71
C PHE D 196 39.35 8.66 -0.20
N SER D 197 39.40 9.90 0.28
CA SER D 197 39.33 10.17 1.70
C SER D 197 37.88 10.08 2.13
N VAL D 198 37.59 9.09 2.96
CA VAL D 198 36.25 8.95 3.51
C VAL D 198 35.80 10.22 4.21
N LYS D 199 36.70 10.84 4.98
CA LYS D 199 36.33 12.04 5.73
C LYS D 199 36.23 13.30 4.85
N ASP D 200 37.17 13.48 3.94
CA ASP D 200 37.30 14.77 3.24
C ASP D 200 36.62 14.80 1.88
N ASP D 201 36.40 13.64 1.26
CA ASP D 201 35.80 13.59 -0.09
C ASP D 201 35.02 12.30 -0.32
N PRO D 202 33.96 12.09 0.47
CA PRO D 202 33.19 10.86 0.34
C PRO D 202 32.58 10.70 -1.05
N ILE D 203 32.65 9.51 -1.60
CA ILE D 203 32.03 9.24 -2.90
C ILE D 203 30.61 8.67 -2.77
N PHE D 204 29.83 8.86 -3.81
CA PHE D 204 28.54 8.18 -4.01
C PHE D 204 28.86 6.74 -4.39
N ILE D 205 28.06 5.78 -3.94
CA ILE D 205 28.38 4.41 -4.24
C ILE D 205 28.10 3.99 -5.68
N ALA D 206 27.22 4.74 -6.37
CA ALA D 206 26.80 4.34 -7.70
C ALA D 206 27.97 4.43 -8.69
N PRO D 207 28.36 3.35 -9.31
CA PRO D 207 29.46 3.43 -10.26
C PRO D 207 28.99 3.88 -11.64
N ALA D 208 29.85 4.63 -12.34
CA ALA D 208 29.75 4.76 -13.79
C ALA D 208 30.67 3.68 -14.34
N LEU D 209 30.07 2.58 -14.77
CA LEU D 209 30.75 1.30 -14.92
C LEU D 209 31.09 1.05 -16.37
N ASP D 210 32.37 0.89 -16.64
CA ASP D 210 32.86 0.51 -17.95
C ASP D 210 33.25 -0.98 -17.91
N LYS D 211 33.73 -1.52 -19.03
CA LYS D 211 34.06 -2.93 -19.09
C LYS D 211 35.24 -3.31 -18.20
N ASP D 212 36.20 -2.38 -17.99
CA ASP D 212 37.41 -2.66 -17.20
C ASP D 212 37.84 -1.56 -16.21
N LYS D 213 36.97 -0.57 -16.01
CA LYS D 213 37.16 0.45 -15.00
C LYS D 213 35.79 0.95 -14.56
N ALA D 214 35.78 1.61 -13.41
CA ALA D 214 34.61 2.26 -12.89
C ALA D 214 35.01 3.63 -12.43
N HIS D 215 34.14 4.62 -12.66
CA HIS D 215 34.29 5.94 -12.11
C HIS D 215 33.24 6.18 -11.04
N PHE D 216 33.59 7.01 -10.08
CA PHE D 216 32.72 7.39 -8.97
C PHE D 216 32.82 8.89 -8.80
N VAL D 217 31.71 9.54 -8.47
CA VAL D 217 31.70 10.95 -8.18
C VAL D 217 31.57 11.16 -6.68
N SER D 218 32.08 12.28 -6.20
CA SER D 218 32.06 12.61 -4.80
C SER D 218 31.04 13.67 -4.42
N TYR D 219 30.83 13.81 -3.12
CA TYR D 219 29.94 14.83 -2.58
C TYR D 219 30.31 16.27 -3.00
N TYR D 220 31.59 16.48 -3.34
CA TYR D 220 32.09 17.81 -3.70
C TYR D 220 32.36 17.93 -5.20
N GLY D 221 31.91 16.94 -5.98
CA GLY D 221 31.99 17.02 -7.42
C GLY D 221 33.34 16.63 -8.00
N ASN D 222 34.09 15.84 -7.24
CA ASN D 222 35.27 15.20 -7.80
C ASN D 222 34.96 13.82 -8.35
N VAL D 223 35.86 13.33 -9.18
CA VAL D 223 35.76 12.05 -9.83
C VAL D 223 36.94 11.16 -9.45
N TYR D 224 36.65 9.89 -9.13
CA TYR D 224 37.67 8.89 -8.81
C TYR D 224 37.48 7.69 -9.74
N SER D 225 38.57 6.95 -10.02
CA SER D 225 38.50 5.80 -10.90
C SER D 225 39.16 4.57 -10.29
N ALA D 226 38.62 3.41 -10.66
CA ALA D 226 39.16 2.12 -10.29
C ALA D 226 39.36 1.36 -11.58
N ASP D 227 40.61 1.09 -11.92
CA ASP D 227 40.91 0.39 -13.15
C ASP D 227 41.18 -1.06 -12.81
N PHE D 228 40.38 -1.96 -13.34
CA PHE D 228 40.53 -3.40 -13.03
C PHE D 228 40.86 -4.21 -14.29
N SER D 229 41.57 -3.56 -15.21
CA SER D 229 42.10 -4.24 -16.41
C SER D 229 43.16 -5.29 -16.04
N GLY D 230 43.96 -5.00 -15.02
CA GLY D 230 44.99 -5.94 -14.55
C GLY D 230 44.45 -6.81 -13.44
N ASP D 231 45.27 -7.74 -12.94
CA ASP D 231 44.79 -8.61 -11.86
C ASP D 231 44.64 -7.85 -10.55
N GLU D 232 45.29 -6.70 -10.41
CA GLU D 232 45.08 -5.84 -9.23
C GLU D 232 44.48 -4.50 -9.65
N VAL D 233 43.63 -3.96 -8.78
CA VAL D 233 42.91 -2.73 -9.07
C VAL D 233 43.84 -1.53 -8.85
N LYS D 234 43.91 -0.65 -9.86
CA LYS D 234 44.66 0.60 -9.75
C LYS D 234 43.68 1.76 -9.56
N VAL D 235 43.93 2.59 -8.55
CA VAL D 235 43.00 3.68 -8.23
C VAL D 235 43.61 5.05 -8.50
N ASP D 236 42.76 5.99 -8.87
CA ASP D 236 43.20 7.34 -9.20
C ASP D 236 42.13 8.37 -8.87
N GLY D 237 42.54 9.64 -8.87
CA GLY D 237 41.68 10.78 -8.57
C GLY D 237 42.12 11.52 -7.31
N PRO D 238 41.63 12.75 -7.11
CA PRO D 238 40.43 13.23 -7.83
C PRO D 238 40.74 14.05 -9.08
N TRP D 239 39.81 14.09 -10.03
CA TRP D 239 39.70 15.22 -10.95
C TRP D 239 38.30 15.82 -10.80
N SER D 240 38.18 17.12 -11.06
CA SER D 240 36.96 17.85 -10.79
C SER D 240 36.01 17.86 -11.99
N LEU D 241 34.73 17.70 -11.68
CA LEU D 241 33.67 17.91 -12.68
C LEU D 241 33.47 19.40 -12.95
N LEU D 242 34.04 20.24 -12.11
CA LEU D 242 33.70 21.67 -12.00
C LEU D 242 34.77 22.57 -12.63
N ASN D 243 34.33 23.52 -13.45
CA ASN D 243 35.16 24.67 -13.87
C ASN D 243 34.99 25.81 -12.85
N ASP D 244 35.68 26.95 -13.04
CA ASP D 244 35.62 28.03 -12.05
C ASP D 244 34.20 28.57 -11.84
N GLU D 245 33.45 28.69 -12.94
CA GLU D 245 32.07 29.21 -12.90
C GLU D 245 31.20 28.24 -12.09
N ASP D 246 31.34 26.97 -12.43
CA ASP D 246 30.68 25.88 -11.69
C ASP D 246 30.96 25.98 -10.19
N LYS D 247 32.25 26.10 -9.85
CA LYS D 247 32.65 26.23 -8.44
C LYS D 247 32.08 27.45 -7.74
N ALA D 248 32.05 28.62 -8.43
CA ALA D 248 31.55 29.84 -7.80
C ALA D 248 30.06 29.77 -7.46
N LYS D 249 29.32 28.98 -8.22
CA LYS D 249 27.89 28.74 -7.92
C LYS D 249 27.65 27.43 -7.14
N ASN D 250 28.73 26.82 -6.66
CA ASN D 250 28.66 25.64 -5.77
C ASN D 250 27.89 24.44 -6.32
N TRP D 251 28.10 24.15 -7.60
CA TRP D 251 27.51 22.98 -8.23
C TRP D 251 28.13 21.69 -7.69
N VAL D 252 27.28 20.78 -7.25
CA VAL D 252 27.71 19.47 -6.77
C VAL D 252 26.75 18.40 -7.27
N PRO D 253 27.16 17.13 -7.23
CA PRO D 253 26.25 16.04 -7.63
C PRO D 253 25.21 15.77 -6.58
N GLY D 254 24.11 15.18 -7.03
CA GLY D 254 23.06 14.76 -6.07
C GLY D 254 22.12 13.79 -6.71
N GLY D 255 21.66 12.83 -5.90
CA GLY D 255 20.74 11.81 -6.34
C GLY D 255 21.03 10.49 -5.65
N TYR D 256 20.54 9.42 -6.23
CA TYR D 256 20.64 8.07 -5.68
C TYR D 256 21.44 7.22 -6.68
N ASN D 257 20.79 6.65 -7.68
CA ASN D 257 21.49 5.98 -8.79
C ASN D 257 21.84 7.09 -9.78
N LEU D 258 22.79 7.92 -9.38
CA LEU D 258 22.91 9.28 -9.94
C LEU D 258 23.88 9.42 -11.11
N VAL D 259 24.56 8.34 -11.50
CA VAL D 259 25.51 8.40 -12.63
C VAL D 259 25.30 7.24 -13.60
N GLY D 260 25.89 7.36 -14.77
CA GLY D 260 25.79 6.37 -15.81
C GLY D 260 26.96 6.57 -16.78
N LEU D 261 27.33 5.52 -17.48
CA LEU D 261 28.43 5.61 -18.43
C LEU D 261 27.95 5.07 -19.72
N HIS D 262 28.14 5.84 -20.79
CA HIS D 262 27.95 5.32 -22.13
C HIS D 262 29.32 4.80 -22.59
N ARG D 263 29.46 3.47 -22.64
CA ARG D 263 30.78 2.84 -22.70
C ARG D 263 31.48 3.11 -24.03
N ALA D 264 30.76 3.05 -25.14
CA ALA D 264 31.35 3.23 -26.48
C ALA D 264 31.99 4.61 -26.66
N SER D 265 31.35 5.64 -26.12
CA SER D 265 31.87 7.01 -26.25
C SER D 265 32.71 7.46 -25.06
N GLY D 266 32.57 6.79 -23.90
CA GLY D 266 33.17 7.23 -22.65
C GLY D 266 32.51 8.42 -21.98
N ARG D 267 31.30 8.76 -22.45
CA ARG D 267 30.52 9.81 -21.83
C ARG D 267 29.95 9.33 -20.48
N MET D 268 30.16 10.13 -19.45
CA MET D 268 29.58 9.87 -18.13
C MET D 268 28.48 10.89 -17.89
N TYR D 269 27.34 10.40 -17.40
CA TYR D 269 26.15 11.21 -17.10
C TYR D 269 26.01 11.38 -15.60
N VAL D 270 25.72 12.58 -15.14
CA VAL D 270 25.71 12.88 -13.71
C VAL D 270 24.65 13.91 -13.37
N PHE D 271 23.83 13.61 -12.37
CA PHE D 271 22.87 14.60 -11.88
C PHE D 271 23.57 15.61 -11.01
N MET D 272 23.32 16.89 -11.29
CA MET D 272 23.93 17.99 -10.59
C MET D 272 22.95 19.06 -10.14
N HIS D 273 23.29 19.77 -9.08
CA HIS D 273 22.49 20.93 -8.63
C HIS D 273 23.39 22.05 -8.08
N PRO D 274 22.94 23.30 -8.18
CA PRO D 274 23.75 24.41 -7.65
C PRO D 274 23.59 24.55 -6.15
N ASP D 275 24.36 25.47 -5.55
CA ASP D 275 24.20 25.86 -4.16
C ASP D 275 24.39 24.68 -3.23
N GLY D 276 25.37 23.86 -3.58
CA GLY D 276 25.75 22.70 -2.78
C GLY D 276 26.25 23.09 -1.41
N LYS D 277 25.92 22.25 -0.43
CA LYS D 277 26.46 22.40 0.91
C LYS D 277 26.18 21.10 1.64
N GLU D 278 26.63 21.02 2.88
CA GLU D 278 26.42 19.85 3.67
C GLU D 278 24.92 19.55 3.71
N GLY D 279 24.56 18.35 3.28
CA GLY D 279 23.16 17.90 3.37
C GLY D 279 22.39 17.90 2.07
N THR D 280 23.01 18.27 0.96
CA THR D 280 22.29 18.36 -0.34
C THR D 280 22.64 17.22 -1.29
N HIS D 281 23.29 16.15 -0.83
CA HIS D 281 23.77 15.10 -1.70
C HIS D 281 22.69 14.19 -2.34
N LYS D 282 21.47 14.28 -1.80
CA LYS D 282 20.35 13.51 -2.36
C LYS D 282 19.30 14.44 -3.02
N PHE D 283 19.70 15.68 -3.30
CA PHE D 283 18.79 16.65 -3.94
C PHE D 283 18.51 16.23 -5.37
N PRO D 284 17.28 16.46 -5.84
CA PRO D 284 16.96 16.25 -7.24
C PRO D 284 17.86 17.04 -8.23
N ALA D 285 18.01 16.51 -9.43
CA ALA D 285 18.86 17.12 -10.49
C ALA D 285 18.24 18.42 -10.98
N ALA D 286 18.97 19.52 -10.80
CA ALA D 286 18.68 20.76 -11.55
C ALA D 286 19.08 20.54 -12.99
N GLU D 287 20.19 19.83 -13.20
CA GLU D 287 20.66 19.51 -14.53
C GLU D 287 21.27 18.13 -14.63
N ILE D 288 21.36 17.61 -15.85
CA ILE D 288 22.20 16.46 -16.16
C ILE D 288 23.43 16.99 -16.88
N TRP D 289 24.61 16.69 -16.34
CA TRP D 289 25.86 17.01 -17.05
C TRP D 289 26.38 15.76 -17.73
N VAL D 290 26.96 15.97 -18.91
CA VAL D 290 27.51 14.92 -19.73
C VAL D 290 29.02 15.21 -19.82
N MET D 291 29.83 14.29 -19.29
CA MET D 291 31.27 14.48 -19.18
C MET D 291 31.98 13.53 -20.11
N ASP D 292 33.02 14.03 -20.79
CA ASP D 292 33.90 13.15 -21.54
C ASP D 292 34.98 12.67 -20.57
N THR D 293 34.99 11.36 -20.29
CA THR D 293 35.92 10.84 -19.28
C THR D 293 37.36 10.74 -19.78
N LYS D 294 37.56 10.82 -21.09
CA LYS D 294 38.90 10.83 -21.67
C LYS D 294 39.53 12.22 -21.59
N THR D 295 38.79 13.24 -22.02
CA THR D 295 39.28 14.63 -21.99
C THR D 295 39.05 15.31 -20.65
N LYS D 296 38.17 14.72 -19.82
CA LYS D 296 37.84 15.25 -18.48
C LYS D 296 37.19 16.64 -18.51
N GLN D 297 36.39 16.85 -19.53
CA GLN D 297 35.66 18.10 -19.74
C GLN D 297 34.17 17.79 -19.92
N ARG D 298 33.33 18.73 -19.51
CA ARG D 298 31.87 18.67 -19.76
C ARG D 298 31.61 18.92 -21.23
N VAL D 299 30.82 18.07 -21.86
CA VAL D 299 30.44 18.27 -23.26
C VAL D 299 28.96 18.69 -23.47
N ALA D 300 28.16 18.61 -22.40
CA ALA D 300 26.75 19.00 -22.47
C ALA D 300 26.13 19.15 -21.10
N ARG D 301 25.08 19.94 -21.04
CA ARG D 301 24.31 20.16 -19.82
C ARG D 301 22.88 20.48 -20.23
N ILE D 302 21.92 19.78 -19.62
CA ILE D 302 20.51 19.89 -19.97
C ILE D 302 19.67 19.91 -18.71
N PRO D 303 18.43 20.37 -18.79
CA PRO D 303 17.54 20.36 -17.63
C PRO D 303 17.38 18.96 -17.01
N GLY D 304 17.40 18.93 -15.68
CA GLY D 304 17.35 17.66 -14.96
C GLY D 304 15.98 17.07 -14.72
N ARG D 305 14.92 17.87 -14.86
CA ARG D 305 13.55 17.42 -14.63
C ARG D 305 13.39 16.78 -13.25
N ASP D 306 14.13 17.32 -12.30
CA ASP D 306 14.11 16.85 -10.90
C ASP D 306 14.42 15.36 -10.76
N ALA D 307 15.23 14.82 -11.65
CA ALA D 307 15.54 13.38 -11.64
C ALA D 307 16.47 13.05 -10.49
N LEU D 308 16.31 11.82 -10.01
CA LEU D 308 17.10 11.29 -8.88
C LEU D 308 17.93 10.06 -9.22
N SER D 309 17.43 9.27 -10.17
CA SER D 309 18.05 8.04 -10.58
C SER D 309 18.00 7.90 -12.10
N MET D 310 18.92 7.11 -12.63
CA MET D 310 19.02 6.88 -14.06
C MET D 310 19.48 5.49 -14.36
N THR D 311 19.43 5.13 -15.63
CA THR D 311 20.07 3.91 -16.13
C THR D 311 20.38 4.12 -17.61
N ILE D 312 21.42 3.44 -18.09
CA ILE D 312 21.87 3.56 -19.46
C ILE D 312 21.69 2.24 -20.19
N ASP D 313 21.22 2.30 -21.43
CA ASP D 313 21.24 1.14 -22.29
C ASP D 313 22.34 1.28 -23.35
N GLN D 314 23.38 0.48 -23.24
CA GLN D 314 24.48 0.50 -24.22
C GLN D 314 24.04 0.02 -25.62
N GLN D 315 23.05 -0.86 -25.70
CA GLN D 315 22.69 -1.49 -26.96
C GLN D 315 21.79 -0.64 -27.85
N ARG D 316 20.99 0.25 -27.25
CA ARG D 316 20.12 1.18 -27.99
C ARG D 316 20.52 2.65 -27.79
N ASN D 317 21.58 2.91 -27.04
CA ASN D 317 22.06 4.27 -26.84
C ASN D 317 20.98 5.17 -26.22
N LEU D 318 20.45 4.69 -25.08
CA LEU D 318 19.40 5.36 -24.35
C LEU D 318 19.78 5.64 -22.91
N MET D 319 19.15 6.66 -22.34
CA MET D 319 19.24 6.93 -20.92
C MET D 319 17.80 7.12 -20.42
N LEU D 320 17.47 6.43 -19.33
CA LEU D 320 16.23 6.70 -18.57
C LEU D 320 16.54 7.52 -17.35
N THR D 321 15.69 8.48 -17.02
CA THR D 321 15.78 9.13 -15.73
C THR D 321 14.43 9.05 -15.02
N LEU D 322 14.50 9.24 -13.71
CA LEU D 322 13.39 8.93 -12.83
C LEU D 322 13.39 9.90 -11.68
N ASP D 323 12.26 10.60 -11.48
CA ASP D 323 12.15 11.60 -10.43
C ASP D 323 11.41 11.10 -9.18
N GLY D 324 11.13 9.80 -9.15
CA GLY D 324 10.36 9.18 -8.07
C GLY D 324 9.04 8.64 -8.54
N GLY D 325 8.44 9.29 -9.54
CA GLY D 325 7.13 8.92 -10.06
C GLY D 325 7.06 8.79 -11.58
N ASN D 326 7.89 9.58 -12.27
CA ASN D 326 7.84 9.72 -13.73
C ASN D 326 9.17 9.31 -14.34
N VAL D 327 9.12 8.68 -15.50
CA VAL D 327 10.30 8.18 -16.19
C VAL D 327 10.47 8.98 -17.49
N ASN D 328 11.65 9.57 -17.65
CA ASN D 328 12.02 10.28 -18.86
C ASN D 328 12.91 9.40 -19.74
N VAL D 329 12.61 9.32 -21.04
CA VAL D 329 13.37 8.53 -22.01
C VAL D 329 14.19 9.51 -22.88
N TYR D 330 15.52 9.30 -22.90
CA TYR D 330 16.45 10.11 -23.72
C TYR D 330 17.23 9.27 -24.73
N ASP D 331 17.44 9.85 -25.92
CA ASP D 331 18.37 9.35 -26.92
C ASP D 331 19.72 9.96 -26.60
N ILE D 332 20.74 9.13 -26.35
CA ILE D 332 22.11 9.60 -26.06
C ILE D 332 23.11 9.11 -27.11
N SER D 333 22.65 8.93 -28.34
CA SER D 333 23.53 8.58 -29.45
C SER D 333 24.48 9.72 -29.85
N GLN D 334 24.17 10.96 -29.44
CA GLN D 334 25.07 12.13 -29.60
C GLN D 334 25.40 12.74 -28.23
N PRO D 335 26.44 13.55 -28.14
CA PRO D 335 26.83 14.20 -26.88
C PRO D 335 25.70 14.88 -26.10
N GLU D 336 24.84 15.63 -26.80
CA GLU D 336 23.67 16.22 -26.15
C GLU D 336 22.49 15.25 -26.15
N PRO D 337 21.99 14.87 -24.98
CA PRO D 337 20.83 14.00 -24.91
C PRO D 337 19.59 14.68 -25.52
N LYS D 338 18.73 13.87 -26.10
CA LYS D 338 17.46 14.35 -26.67
C LYS D 338 16.30 13.66 -25.97
N LEU D 339 15.39 14.46 -25.41
CA LEU D 339 14.25 13.93 -24.67
C LEU D 339 13.21 13.41 -25.66
N LEU D 340 12.86 12.13 -25.57
CA LEU D 340 11.87 11.51 -26.45
C LEU D 340 10.45 11.54 -25.90
N ARG D 341 10.29 11.17 -24.62
CA ARG D 341 8.99 11.22 -23.98
C ARG D 341 9.13 11.04 -22.47
N THR D 342 8.04 11.28 -21.77
CA THR D 342 7.94 11.08 -20.32
C THR D 342 6.76 10.15 -20.07
N ILE D 343 6.98 9.17 -19.22
CA ILE D 343 5.95 8.24 -18.75
C ILE D 343 5.54 8.73 -17.36
N GLU D 344 4.35 9.31 -17.29
CA GLU D 344 3.83 9.86 -16.06
C GLU D 344 3.19 8.80 -15.18
N GLY D 345 3.49 8.88 -13.89
CA GLY D 345 2.82 8.00 -12.94
C GLY D 345 3.23 6.54 -13.06
N ALA D 346 4.49 6.32 -13.45
CA ALA D 346 5.03 4.97 -13.52
C ALA D 346 5.24 4.32 -12.15
N ALA D 347 5.30 5.13 -11.10
CA ALA D 347 5.47 4.63 -9.73
C ALA D 347 5.01 5.69 -8.77
N GLU D 348 4.77 5.29 -7.53
CA GLU D 348 4.53 6.22 -6.45
C GLU D 348 5.80 6.63 -5.74
N ALA D 349 6.75 5.72 -5.58
CA ALA D 349 7.99 6.02 -4.88
C ALA D 349 9.07 5.06 -5.39
N SER D 350 9.60 5.37 -6.57
CA SER D 350 10.68 4.57 -7.13
C SER D 350 11.97 5.36 -7.16
N LEU D 351 13.07 4.69 -6.84
CA LEU D 351 14.40 5.28 -7.03
C LEU D 351 15.23 4.40 -7.96
N GLN D 352 14.61 3.53 -8.72
CA GLN D 352 15.34 2.64 -9.59
C GLN D 352 14.54 2.21 -10.79
N VAL D 353 15.11 2.44 -11.98
CA VAL D 353 14.58 1.90 -13.24
C VAL D 353 15.68 1.13 -13.98
N GLN D 354 15.28 0.11 -14.71
CA GLN D 354 16.21 -0.76 -15.43
C GLN D 354 15.57 -1.21 -16.74
N PHE D 355 16.39 -1.34 -17.78
CA PHE D 355 15.94 -1.92 -19.03
C PHE D 355 15.90 -3.44 -18.97
N HIS D 356 15.02 -4.07 -19.76
CA HIS D 356 15.16 -5.48 -20.06
C HIS D 356 16.42 -5.64 -20.90
N PRO D 357 17.35 -6.52 -20.53
CA PRO D 357 18.56 -6.70 -21.29
C PRO D 357 18.32 -7.15 -22.72
N VAL D 358 19.06 -6.49 -23.59
CA VAL D 358 19.23 -6.90 -24.94
C VAL D 358 20.74 -7.19 -25.14
N GLY D 359 21.01 -8.37 -25.69
CA GLY D 359 22.38 -8.72 -26.04
C GLY D 359 23.25 -8.68 -24.80
N GLY D 360 24.43 -8.09 -24.93
CA GLY D 360 25.32 -7.85 -23.78
C GLY D 360 26.38 -8.92 -23.61
N THR D 361 26.37 -9.97 -24.41
CA THR D 361 27.47 -10.94 -24.38
C THR D 361 28.81 -10.26 -24.60
#